data_3GDD
# 
_entry.id   3GDD 
# 
_audit_conform.dict_name       mmcif_pdbx.dic 
_audit_conform.dict_version    5.387 
_audit_conform.dict_location   http://mmcif.pdb.org/dictionaries/ascii/mmcif_pdbx.dic 
# 
loop_
_database_2.database_id 
_database_2.database_code 
_database_2.pdbx_database_accession 
_database_2.pdbx_DOI 
PDB   3GDD         pdb_00003gdd 10.2210/pdb3gdd/pdb 
NDB   DD0106       ?            ?                   
RCSB  RCSB051719   ?            ?                   
WWPDB D_1000051719 ?            ?                   
# 
loop_
_pdbx_audit_revision_history.ordinal 
_pdbx_audit_revision_history.data_content_type 
_pdbx_audit_revision_history.major_revision 
_pdbx_audit_revision_history.minor_revision 
_pdbx_audit_revision_history.revision_date 
1 'Structure model' 1 0 2010-03-09 
2 'Structure model' 1 1 2011-07-13 
3 'Structure model' 1 2 2024-02-21 
# 
_pdbx_audit_revision_details.ordinal             1 
_pdbx_audit_revision_details.revision_ordinal    1 
_pdbx_audit_revision_details.data_content_type   'Structure model' 
_pdbx_audit_revision_details.provider            repository 
_pdbx_audit_revision_details.type                'Initial release' 
_pdbx_audit_revision_details.description         ? 
_pdbx_audit_revision_details.details             ? 
# 
loop_
_pdbx_audit_revision_group.ordinal 
_pdbx_audit_revision_group.revision_ordinal 
_pdbx_audit_revision_group.data_content_type 
_pdbx_audit_revision_group.group 
1 2 'Structure model' 'Version format compliance' 
2 3 'Structure model' 'Data collection'           
3 3 'Structure model' 'Database references'       
4 3 'Structure model' 'Derived calculations'      
# 
loop_
_pdbx_audit_revision_category.ordinal 
_pdbx_audit_revision_category.revision_ordinal 
_pdbx_audit_revision_category.data_content_type 
_pdbx_audit_revision_category.category 
1 3 'Structure model' chem_comp_atom         
2 3 'Structure model' chem_comp_bond         
3 3 'Structure model' database_2             
4 3 'Structure model' pdbx_struct_conn_angle 
5 3 'Structure model' struct_conn            
6 3 'Structure model' struct_site            
# 
loop_
_pdbx_audit_revision_item.ordinal 
_pdbx_audit_revision_item.revision_ordinal 
_pdbx_audit_revision_item.data_content_type 
_pdbx_audit_revision_item.item 
1  3 'Structure model' '_database_2.pdbx_DOI'                        
2  3 'Structure model' '_database_2.pdbx_database_accession'         
3  3 'Structure model' '_pdbx_struct_conn_angle.ptnr1_auth_comp_id'  
4  3 'Structure model' '_pdbx_struct_conn_angle.ptnr1_auth_seq_id'   
5  3 'Structure model' '_pdbx_struct_conn_angle.ptnr1_label_asym_id' 
6  3 'Structure model' '_pdbx_struct_conn_angle.ptnr1_label_atom_id' 
7  3 'Structure model' '_pdbx_struct_conn_angle.ptnr1_label_comp_id' 
8  3 'Structure model' '_pdbx_struct_conn_angle.ptnr3_auth_comp_id'  
9  3 'Structure model' '_pdbx_struct_conn_angle.ptnr3_auth_seq_id'   
10 3 'Structure model' '_pdbx_struct_conn_angle.ptnr3_label_asym_id' 
11 3 'Structure model' '_pdbx_struct_conn_angle.ptnr3_label_atom_id' 
12 3 'Structure model' '_pdbx_struct_conn_angle.ptnr3_label_comp_id' 
13 3 'Structure model' '_pdbx_struct_conn_angle.value'               
14 3 'Structure model' '_struct_conn.pdbx_dist_value'                
15 3 'Structure model' '_struct_conn.pdbx_leaving_atom_flag'         
16 3 'Structure model' '_struct_conn.ptnr2_auth_comp_id'             
17 3 'Structure model' '_struct_conn.ptnr2_auth_seq_id'              
18 3 'Structure model' '_struct_conn.ptnr2_label_asym_id'            
19 3 'Structure model' '_struct_conn.ptnr2_label_atom_id'            
20 3 'Structure model' '_struct_conn.ptnr2_label_comp_id'            
21 3 'Structure model' '_struct_site.pdbx_auth_asym_id'              
22 3 'Structure model' '_struct_site.pdbx_auth_comp_id'              
23 3 'Structure model' '_struct_site.pdbx_auth_seq_id'               
# 
_pdbx_database_status.status_code                     REL 
_pdbx_database_status.entry_id                        3GDD 
_pdbx_database_status.recvd_initial_deposition_date   2009-02-24 
_pdbx_database_status.deposit_site                    RCSB 
_pdbx_database_status.process_site                    RCSB 
_pdbx_database_status.status_code_sf                  REL 
_pdbx_database_status.status_code_mr                  ? 
_pdbx_database_status.SG_entry                        ? 
_pdbx_database_status.status_code_cs                  ? 
_pdbx_database_status.pdb_format_compatible           Y 
_pdbx_database_status.status_code_nmr_data            ? 
_pdbx_database_status.methods_development_category    ? 
# 
loop_
_audit_author.name 
_audit_author.pdbx_ordinal 
'Subirana, J.A.' 1 
'De Luchi, D.'   2 
'Wright, G.'     3 
'Gouyette, C.'   4 
# 
_citation.id                        primary 
_citation.title                     'Structure of a stacked anthraquinone-DNA complex' 
_citation.journal_abbrev            'Acta Crystallogr.,Sect.F' 
_citation.journal_volume            66 
_citation.page_first                1019 
_citation.page_last                 1022 
_citation.year                      2010 
_citation.journal_id_ASTM           ? 
_citation.country                   DK 
_citation.journal_id_ISSN           1744-3091 
_citation.journal_id_CSD            ? 
_citation.book_publisher            ? 
_citation.pdbx_database_id_PubMed   20823516 
_citation.pdbx_database_id_DOI      10.1107/S1744309110030034 
# 
loop_
_citation_author.citation_id 
_citation_author.name 
_citation_author.ordinal 
_citation_author.identifier_ORCID 
primary 'De Luchi, D.'   1 ? 
primary 'Uson, I.'       2 ? 
primary 'Wright, G.'     3 ? 
primary 'Gouyette, C.'   4 ? 
primary 'Subirana, J.A.' 5 ? 
# 
loop_
_entity.id 
_entity.type 
_entity.src_method 
_entity.pdbx_description 
_entity.formula_weight 
_entity.pdbx_number_of_molecules 
_entity.pdbx_ec 
_entity.pdbx_mutation 
_entity.pdbx_fragment 
_entity.details 
1 polymer     syn "5'-D(*(BRU)P*AP*GP*G)-3'"                                                         1295.724 2 ? ? ? ? 
2 non-polymer syn 'MAGNESIUM ION'                                                                    24.305   1 ? ? ? ? 
3 non-polymer syn "N,N'-(9,10-dioxo-9,10-dihydroanthracene-2,7-diyl)bis[2-(dimethylamino)acetamide]" 408.450  4 ? ? ? ? 
4 water       nat water                                                                              18.015   6 ? ? ? ? 
# 
_entity_poly.entity_id                      1 
_entity_poly.type                           polydeoxyribonucleotide 
_entity_poly.nstd_linkage                   no 
_entity_poly.nstd_monomer                   yes 
_entity_poly.pdbx_seq_one_letter_code       '(BRU)(DA)(DG)(DG)' 
_entity_poly.pdbx_seq_one_letter_code_can   UAGG 
_entity_poly.pdbx_strand_id                 A,B 
_entity_poly.pdbx_target_identifier         ? 
# 
loop_
_pdbx_entity_nonpoly.entity_id 
_pdbx_entity_nonpoly.name 
_pdbx_entity_nonpoly.comp_id 
2 'MAGNESIUM ION'                                                                    MG  
3 "N,N'-(9,10-dioxo-9,10-dihydroanthracene-2,7-diyl)bis[2-(dimethylamino)acetamide]" 5BD 
4 water                                                                              HOH 
# 
loop_
_entity_poly_seq.entity_id 
_entity_poly_seq.num 
_entity_poly_seq.mon_id 
_entity_poly_seq.hetero 
1 1 BRU n 
1 2 DA  n 
1 3 DG  n 
1 4 DG  n 
# 
_pdbx_entity_src_syn.entity_id              1 
_pdbx_entity_src_syn.pdbx_src_id            1 
_pdbx_entity_src_syn.pdbx_alt_source_flag   sample 
_pdbx_entity_src_syn.pdbx_beg_seq_num       ? 
_pdbx_entity_src_syn.pdbx_end_seq_num       ? 
_pdbx_entity_src_syn.organism_scientific    ? 
_pdbx_entity_src_syn.organism_common_name   ? 
_pdbx_entity_src_syn.ncbi_taxonomy_id       ? 
_pdbx_entity_src_syn.details                
;oligonucleotides were synthesized on an automatic synthesizer by the phosphoramidite method. The drug molecule was synthesized starting from the commercial anthraquinone'
;
# 
loop_
_chem_comp.id 
_chem_comp.type 
_chem_comp.mon_nstd_flag 
_chem_comp.name 
_chem_comp.pdbx_synonyms 
_chem_comp.formula 
_chem_comp.formula_weight 
5BD non-polymer   . "N,N'-(9,10-dioxo-9,10-dihydroanthracene-2,7-diyl)bis[2-(dimethylamino)acetamide]" ? 'C22 H24 N4 O4'     
408.450 
BRU 'DNA linking' n "5-BROMO-2'-DEOXYURIDINE-5'-MONOPHOSPHATE"                                         ? 'C9 H12 Br N2 O8 P' 
387.078 
DA  'DNA linking' y "2'-DEOXYADENOSINE-5'-MONOPHOSPHATE"                                               ? 'C10 H14 N5 O6 P'   
331.222 
DG  'DNA linking' y "2'-DEOXYGUANOSINE-5'-MONOPHOSPHATE"                                               ? 'C10 H14 N5 O7 P'   
347.221 
HOH non-polymer   . WATER                                                                              ? 'H2 O'              
18.015  
MG  non-polymer   . 'MAGNESIUM ION'                                                                    ? 'Mg 2'              
24.305  
# 
loop_
_pdbx_poly_seq_scheme.asym_id 
_pdbx_poly_seq_scheme.entity_id 
_pdbx_poly_seq_scheme.seq_id 
_pdbx_poly_seq_scheme.mon_id 
_pdbx_poly_seq_scheme.ndb_seq_num 
_pdbx_poly_seq_scheme.pdb_seq_num 
_pdbx_poly_seq_scheme.auth_seq_num 
_pdbx_poly_seq_scheme.pdb_mon_id 
_pdbx_poly_seq_scheme.auth_mon_id 
_pdbx_poly_seq_scheme.pdb_strand_id 
_pdbx_poly_seq_scheme.pdb_ins_code 
_pdbx_poly_seq_scheme.hetero 
A 1 1 BRU 1 1 1 BRU BRU A . n 
A 1 2 DA  2 2 2 DA  A   A . n 
A 1 3 DG  3 3 3 DG  G   A . n 
A 1 4 DG  4 4 4 DG  G   A . n 
B 1 1 BRU 1 1 1 BRU BRU B . n 
B 1 2 DA  2 2 2 DA  A   B . n 
B 1 3 DG  3 3 3 DG  G   B . n 
B 1 4 DG  4 4 4 DG  G   B . n 
# 
loop_
_pdbx_nonpoly_scheme.asym_id 
_pdbx_nonpoly_scheme.entity_id 
_pdbx_nonpoly_scheme.mon_id 
_pdbx_nonpoly_scheme.ndb_seq_num 
_pdbx_nonpoly_scheme.pdb_seq_num 
_pdbx_nonpoly_scheme.auth_seq_num 
_pdbx_nonpoly_scheme.pdb_mon_id 
_pdbx_nonpoly_scheme.auth_mon_id 
_pdbx_nonpoly_scheme.pdb_strand_id 
_pdbx_nonpoly_scheme.pdb_ins_code 
C 2 MG  1 5  1 MG  MG  A . 
D 3 5BD 1 6  1 5BD 5BD A . 
E 3 5BD 1 7  1 5BD 5BD A . 
F 3 5BD 1 8  1 5BD 5BD A . 
G 3 5BD 1 5  1 5BD 5BD B . 
H 4 HOH 1 9  1 HOH HOH A . 
H 4 HOH 2 10 2 HOH HOH A . 
H 4 HOH 3 11 3 HOH HOH A . 
H 4 HOH 4 12 4 HOH HOH A . 
H 4 HOH 5 13 5 HOH HOH A . 
H 4 HOH 6 14 6 HOH HOH A . 
# 
loop_
_pdbx_unobs_or_zero_occ_atoms.id 
_pdbx_unobs_or_zero_occ_atoms.PDB_model_num 
_pdbx_unobs_or_zero_occ_atoms.polymer_flag 
_pdbx_unobs_or_zero_occ_atoms.occupancy_flag 
_pdbx_unobs_or_zero_occ_atoms.auth_asym_id 
_pdbx_unobs_or_zero_occ_atoms.auth_comp_id 
_pdbx_unobs_or_zero_occ_atoms.auth_seq_id 
_pdbx_unobs_or_zero_occ_atoms.PDB_ins_code 
_pdbx_unobs_or_zero_occ_atoms.auth_atom_id 
_pdbx_unobs_or_zero_occ_atoms.label_alt_id 
_pdbx_unobs_or_zero_occ_atoms.label_asym_id 
_pdbx_unobs_or_zero_occ_atoms.label_comp_id 
_pdbx_unobs_or_zero_occ_atoms.label_seq_id 
_pdbx_unobs_or_zero_occ_atoms.label_atom_id 
1  1 N 1 A 5BD 6 ? C17 ? D 5BD 1 C17 
2  1 N 1 A 5BD 6 ? C18 ? D 5BD 1 C18 
3  1 N 1 A 5BD 6 ? N3  ? D 5BD 1 N3  
4  1 N 1 A 5BD 6 ? N4  ? D 5BD 1 N4  
5  1 N 1 A 5BD 6 ? C19 ? D 5BD 1 C19 
6  1 N 1 A 5BD 6 ? C20 ? D 5BD 1 C20 
7  1 N 1 A 5BD 6 ? C21 ? D 5BD 1 C21 
8  1 N 1 A 5BD 6 ? C22 ? D 5BD 1 C22 
9  1 N 1 A 5BD 7 ? C17 ? E 5BD 1 C17 
10 1 N 1 A 5BD 7 ? C18 ? E 5BD 1 C18 
11 1 N 1 A 5BD 7 ? N3  ? E 5BD 1 N3  
12 1 N 1 A 5BD 7 ? N4  ? E 5BD 1 N4  
13 1 N 1 A 5BD 7 ? C19 ? E 5BD 1 C19 
14 1 N 1 A 5BD 7 ? C20 ? E 5BD 1 C20 
15 1 N 1 A 5BD 7 ? C21 ? E 5BD 1 C21 
16 1 N 1 A 5BD 7 ? C22 ? E 5BD 1 C22 
17 1 N 1 A 5BD 8 ? C17 ? F 5BD 1 C17 
18 1 N 1 A 5BD 8 ? C18 ? F 5BD 1 C18 
19 1 N 1 A 5BD 8 ? N3  ? F 5BD 1 N3  
20 1 N 1 A 5BD 8 ? N4  ? F 5BD 1 N4  
21 1 N 1 A 5BD 8 ? C19 ? F 5BD 1 C19 
22 1 N 1 A 5BD 8 ? C20 ? F 5BD 1 C20 
23 1 N 1 A 5BD 8 ? C21 ? F 5BD 1 C21 
24 1 N 1 A 5BD 8 ? C22 ? F 5BD 1 C22 
25 1 N 1 B 5BD 5 ? C17 ? G 5BD 1 C17 
26 1 N 1 B 5BD 5 ? C18 ? G 5BD 1 C18 
27 1 N 1 B 5BD 5 ? N3  ? G 5BD 1 N3  
28 1 N 1 B 5BD 5 ? N4  ? G 5BD 1 N4  
29 1 N 1 B 5BD 5 ? C19 ? G 5BD 1 C19 
30 1 N 1 B 5BD 5 ? C20 ? G 5BD 1 C20 
31 1 N 1 B 5BD 5 ? C21 ? G 5BD 1 C21 
32 1 N 1 B 5BD 5 ? C22 ? G 5BD 1 C22 
# 
loop_
_software.name 
_software.classification 
_software.version 
_software.citation_id 
_software.pdbx_ordinal 
SOLVE    phasing          .        ? 1 
REFMAC   refinement       5.2.0019 ? 2 
HKL-2000 'data reduction' .        ? 3 
HKL-2000 'data scaling'   .        ? 4 
# 
_cell.entry_id           3GDD 
_cell.length_a           29.698 
_cell.length_b           29.698 
_cell.length_c           60.883 
_cell.angle_alpha        90.00 
_cell.angle_beta         90.00 
_cell.angle_gamma        90.00 
_cell.Z_PDB              16 
_cell.pdbx_unique_axis   ? 
_cell.length_a_esd       ? 
_cell.length_b_esd       ? 
_cell.length_c_esd       ? 
_cell.angle_alpha_esd    ? 
_cell.angle_beta_esd     ? 
_cell.angle_gamma_esd    ? 
# 
_symmetry.entry_id                         3GDD 
_symmetry.space_group_name_H-M             'P 43 21 2' 
_symmetry.pdbx_full_space_group_name_H-M   ? 
_symmetry.cell_setting                     ? 
_symmetry.Int_Tables_number                96 
_symmetry.space_group_name_Hall            ? 
# 
_exptl.entry_id          3GDD 
_exptl.method            'X-RAY DIFFRACTION' 
_exptl.crystals_number   2 
# 
_exptl_crystal.id                    1 
_exptl_crystal.density_meas          ? 
_exptl_crystal.density_Matthews      2.59 
_exptl_crystal.density_percent_sol   52.51 
_exptl_crystal.description           ? 
_exptl_crystal.F_000                 ? 
_exptl_crystal.preparation           ? 
# 
_exptl_crystal_grow.crystal_id      1 
_exptl_crystal_grow.method          'VAPOR DIFFUSION, HANGING DROP' 
_exptl_crystal_grow.temp            310 
_exptl_crystal_grow.temp_details    ? 
_exptl_crystal_grow.pH              7.0 
_exptl_crystal_grow.pdbx_details    
'22 mM cacodylate, 0.8 mM magnesium chloride, 15 mM sodium chloride, pH 7.0, VAPOR DIFFUSION, HANGING DROP, temperature 310K' 
_exptl_crystal_grow.pdbx_pH_range   ? 
# 
_diffrn.id                     1 
_diffrn.ambient_temp           110 
_diffrn.ambient_temp_details   ? 
_diffrn.crystal_id             1 
# 
_diffrn_detector.diffrn_id              1 
_diffrn_detector.detector               CCD 
_diffrn_detector.type                   'MAR CCD 165 mm' 
_diffrn_detector.pdbx_collection_date   2002-05-08 
_diffrn_detector.details                ? 
# 
_diffrn_radiation.diffrn_id                        1 
_diffrn_radiation.wavelength_id                    1 
_diffrn_radiation.pdbx_monochromatic_or_laue_m_l   M 
_diffrn_radiation.monochromator                    'double crystal monochromator' 
_diffrn_radiation.pdbx_diffrn_protocol             MAD 
_diffrn_radiation.pdbx_scattering_type             x-ray 
# 
loop_
_diffrn_radiation_wavelength.id 
_diffrn_radiation_wavelength.wavelength 
_diffrn_radiation_wavelength.wt 
1 0.907 1.0 
2 0.921 1.0 
3 0.920 1.0 
4 0.861 1.0 
# 
_diffrn_source.diffrn_id                   1 
_diffrn_source.source                      SYNCHROTRON 
_diffrn_source.type                        'ESRF BEAMLINE BM16' 
_diffrn_source.pdbx_synchrotron_site       ESRF 
_diffrn_source.pdbx_synchrotron_beamline   BM16 
_diffrn_source.pdbx_wavelength             ? 
_diffrn_source.pdbx_wavelength_list        0.907,0.921,0.920,0.861 
# 
_reflns.entry_id                     3GDD 
_reflns.observed_criterion_sigma_I   -3 
_reflns.observed_criterion_sigma_F   ? 
_reflns.d_resolution_low             21.26 
_reflns.d_resolution_high            2.8 
_reflns.number_obs                   757 
_reflns.number_all                   760 
_reflns.percent_possible_obs         99.01 
_reflns.pdbx_Rmerge_I_obs            0.060 
_reflns.pdbx_Rsym_value              0.035 
_reflns.pdbx_netI_over_sigmaI        ? 
_reflns.B_iso_Wilson_estimate        ? 
_reflns.pdbx_redundancy              8.9 
_reflns.R_free_details               ? 
_reflns.limit_h_max                  ? 
_reflns.limit_h_min                  ? 
_reflns.limit_k_max                  ? 
_reflns.limit_k_min                  ? 
_reflns.limit_l_max                  ? 
_reflns.limit_l_min                  ? 
_reflns.observed_criterion_F_max     ? 
_reflns.observed_criterion_F_min     ? 
_reflns.pdbx_chi_squared             ? 
_reflns.pdbx_scaling_rejects         ? 
_reflns.pdbx_diffrn_id               1 
_reflns.pdbx_ordinal                 1 
# 
_reflns_shell.d_res_high             2.8 
_reflns_shell.d_res_low              2.89 
_reflns_shell.percent_possible_all   90.9 
_reflns_shell.Rmerge_I_obs           ? 
_reflns_shell.pdbx_Rsym_value        ? 
_reflns_shell.meanI_over_sigI_obs    ? 
_reflns_shell.pdbx_redundancy        ? 
_reflns_shell.percent_possible_obs   ? 
_reflns_shell.number_unique_all      ? 
_reflns_shell.number_measured_all    ? 
_reflns_shell.number_measured_obs    ? 
_reflns_shell.number_unique_obs      ? 
_reflns_shell.pdbx_chi_squared       ? 
_reflns_shell.pdbx_diffrn_id         ? 
_reflns_shell.pdbx_ordinal           1 
# 
_refine.entry_id                                 3GDD 
_refine.ls_number_reflns_obs                     757 
_refine.ls_number_reflns_all                     ? 
_refine.pdbx_ls_sigma_I                          ? 
_refine.pdbx_ls_sigma_F                          ? 
_refine.pdbx_data_cutoff_high_absF               ? 
_refine.pdbx_data_cutoff_low_absF                ? 
_refine.pdbx_data_cutoff_high_rms_absF           ? 
_refine.ls_d_res_low                             21.26 
_refine.ls_d_res_high                            2.80 
_refine.ls_percent_reflns_obs                    99.01 
_refine.ls_R_factor_obs                          0.23335 
_refine.ls_R_factor_all                          ? 
_refine.ls_R_factor_R_work                       0.23202 
_refine.ls_R_factor_R_free                       0.25926 
_refine.ls_R_factor_R_free_error                 ? 
_refine.ls_R_factor_R_free_error_details         ? 
_refine.ls_percent_reflns_R_free                 5.1 
_refine.ls_number_reflns_R_free                  41 
_refine.ls_number_parameters                     ? 
_refine.ls_number_restraints                     ? 
_refine.occupancy_min                            ? 
_refine.occupancy_max                            ? 
_refine.correlation_coeff_Fo_to_Fc               0.925 
_refine.correlation_coeff_Fo_to_Fc_free          0.908 
_refine.B_iso_mean                               40.120 
_refine.aniso_B[1][1]                            2.41 
_refine.aniso_B[2][2]                            2.41 
_refine.aniso_B[3][3]                            -4.82 
_refine.aniso_B[1][2]                            0.00 
_refine.aniso_B[1][3]                            0.00 
_refine.aniso_B[2][3]                            0.00 
_refine.solvent_model_details                    MASK 
_refine.solvent_model_param_ksol                 ? 
_refine.solvent_model_param_bsol                 ? 
_refine.pdbx_solvent_vdw_probe_radii             1.40 
_refine.pdbx_solvent_ion_probe_radii             0.80 
_refine.pdbx_solvent_shrinkage_radii             0.80 
_refine.pdbx_ls_cross_valid_method               THROUGHOUT 
_refine.details                                  'The structure was solved in P43 space group and then refined in P 43 21 2' 
_refine.pdbx_starting_model                      ? 
_refine.pdbx_method_to_determine_struct          MAD 
_refine.pdbx_isotropic_thermal_model             ? 
_refine.pdbx_stereochemistry_target_values       'MAXIMUM LIKELIHOOD' 
_refine.pdbx_stereochem_target_val_spec_case     ? 
_refine.pdbx_R_Free_selection_details            RANDOM 
_refine.pdbx_overall_ESU_R_Free                  0.434 
_refine.overall_SU_ML                            0.261 
_refine.overall_SU_B                             30.138 
_refine.ls_redundancy_reflns_obs                 ? 
_refine.B_iso_min                                ? 
_refine.B_iso_max                                ? 
_refine.overall_SU_R_Cruickshank_DPI             ? 
_refine.overall_SU_R_free                        ? 
_refine.ls_wR_factor_R_free                      ? 
_refine.ls_wR_factor_R_work                      ? 
_refine.overall_FOM_free_R_set                   ? 
_refine.overall_FOM_work_R_set                   ? 
_refine.pdbx_overall_phase_error                 ? 
_refine.pdbx_refine_id                           'X-RAY DIFFRACTION' 
_refine.pdbx_overall_ESU_R                       ? 
_refine.pdbx_diffrn_id                           1 
_refine.pdbx_TLS_residual_ADP_flag               ? 
_refine.pdbx_overall_SU_R_free_Cruickshank_DPI   ? 
_refine.pdbx_overall_SU_R_Blow_DPI               ? 
_refine.pdbx_overall_SU_R_free_Blow_DPI          ? 
# 
_refine_hist.pdbx_refine_id                   'X-RAY DIFFRACTION' 
_refine_hist.cycle_id                         LAST 
_refine_hist.pdbx_number_atoms_protein        0 
_refine_hist.pdbx_number_atoms_nucleic_acid   164 
_refine_hist.pdbx_number_atoms_ligand         89 
_refine_hist.number_atoms_solvent             6 
_refine_hist.number_atoms_total               259 
_refine_hist.d_res_high                       2.80 
_refine_hist.d_res_low                        21.26 
# 
loop_
_refine_ls_restr.type 
_refine_ls_restr.dev_ideal 
_refine_ls_restr.dev_ideal_target 
_refine_ls_restr.weight 
_refine_ls_restr.number 
_refine_ls_restr.pdbx_refine_id 
_refine_ls_restr.pdbx_restraint_function 
r_bond_refined_d         0.006 0.020 ? 286 'X-RAY DIFFRACTION' ? 
r_angle_refined_deg      1.769 3.000 ? 418 'X-RAY DIFFRACTION' ? 
r_chiral_restr           0.059 0.200 ? 30  'X-RAY DIFFRACTION' ? 
r_gen_planes_refined     0.002 0.020 ? 178 'X-RAY DIFFRACTION' ? 
r_nbd_refined            0.266 0.200 ? 85  'X-RAY DIFFRACTION' ? 
r_nbtor_refined          0.338 0.200 ? 165 'X-RAY DIFFRACTION' ? 
r_xyhbond_nbd_refined    0.137 0.200 ? 5   'X-RAY DIFFRACTION' ? 
r_symmetry_vdw_refined   0.161 0.200 ? 78  'X-RAY DIFFRACTION' ? 
r_symmetry_hbond_refined 0.090 0.200 ? 3   'X-RAY DIFFRACTION' ? 
r_mcbond_it              6.969 1.500 ? 4   'X-RAY DIFFRACTION' ? 
r_scbond_it              0.651 3.000 ? 281 'X-RAY DIFFRACTION' ? 
r_scangle_it             1.060 4.500 ? 418 'X-RAY DIFFRACTION' ? 
# 
_refine_ls_shell.pdbx_total_number_of_bins_used   20 
_refine_ls_shell.d_res_high                       2.803 
_refine_ls_shell.d_res_low                        2.875 
_refine_ls_shell.number_reflns_R_work             50 
_refine_ls_shell.R_factor_R_work                  0.430 
_refine_ls_shell.percent_reflns_obs               100.00 
_refine_ls_shell.R_factor_R_free                  0.164 
_refine_ls_shell.R_factor_R_free_error            ? 
_refine_ls_shell.percent_reflns_R_free            ? 
_refine_ls_shell.number_reflns_R_free             1 
_refine_ls_shell.number_reflns_all                ? 
_refine_ls_shell.R_factor_all                     ? 
_refine_ls_shell.number_reflns_obs                ? 
_refine_ls_shell.redundancy_reflns_obs            ? 
_refine_ls_shell.pdbx_refine_id                   'X-RAY DIFFRACTION' 
# 
_struct.entry_id                  3GDD 
_struct.title                     'An inverted anthraquinone-DNA crystal structure' 
_struct.pdbx_model_details        ? 
_struct.pdbx_CASP_flag            ? 
_struct.pdbx_model_type_details   ? 
# 
_struct_keywords.entry_id        3GDD 
_struct_keywords.pdbx_keywords   DNA 
_struct_keywords.text            'anthraquinone, telomere DNA sequence, drug-DNA complex, DNA' 
# 
loop_
_struct_asym.id 
_struct_asym.pdbx_blank_PDB_chainid_flag 
_struct_asym.pdbx_modified 
_struct_asym.entity_id 
_struct_asym.details 
A N N 1 ? 
B N N 1 ? 
C N N 2 ? 
D N N 3 ? 
E N N 3 ? 
F N N 3 ? 
G N N 3 ? 
H N N 4 ? 
# 
_struct_ref.id                         1 
_struct_ref.db_name                    PDB 
_struct_ref.db_code                    3GDD 
_struct_ref.pdbx_db_accession          3GDD 
_struct_ref.entity_id                  1 
_struct_ref.pdbx_align_begin           1 
_struct_ref.pdbx_seq_one_letter_code   UAGG 
_struct_ref.pdbx_db_isoform            ? 
# 
loop_
_struct_ref_seq.align_id 
_struct_ref_seq.ref_id 
_struct_ref_seq.pdbx_PDB_id_code 
_struct_ref_seq.pdbx_strand_id 
_struct_ref_seq.seq_align_beg 
_struct_ref_seq.pdbx_seq_align_beg_ins_code 
_struct_ref_seq.seq_align_end 
_struct_ref_seq.pdbx_seq_align_end_ins_code 
_struct_ref_seq.pdbx_db_accession 
_struct_ref_seq.db_align_beg 
_struct_ref_seq.pdbx_db_align_beg_ins_code 
_struct_ref_seq.db_align_end 
_struct_ref_seq.pdbx_db_align_end_ins_code 
_struct_ref_seq.pdbx_auth_seq_align_beg 
_struct_ref_seq.pdbx_auth_seq_align_end 
1 1 3GDD A 1 ? 4 ? 3GDD 1 ? 4 ? 1 4 
2 1 3GDD B 1 ? 4 ? 3GDD 1 ? 4 ? 1 4 
# 
_pdbx_struct_assembly.id                   1 
_pdbx_struct_assembly.details              author_defined_assembly 
_pdbx_struct_assembly.method_details       ? 
_pdbx_struct_assembly.oligomeric_details   dimeric 
_pdbx_struct_assembly.oligomeric_count     2 
# 
_pdbx_struct_assembly_gen.assembly_id       1 
_pdbx_struct_assembly_gen.oper_expression   1 
_pdbx_struct_assembly_gen.asym_id_list      A,B,C,D,E,F,G,H 
# 
_pdbx_struct_oper_list.id                   1 
_pdbx_struct_oper_list.type                 'identity operation' 
_pdbx_struct_oper_list.name                 1_555 
_pdbx_struct_oper_list.symmetry_operation   x,y,z 
_pdbx_struct_oper_list.matrix[1][1]         1.0000000000 
_pdbx_struct_oper_list.matrix[1][2]         0.0000000000 
_pdbx_struct_oper_list.matrix[1][3]         0.0000000000 
_pdbx_struct_oper_list.vector[1]            0.0000000000 
_pdbx_struct_oper_list.matrix[2][1]         0.0000000000 
_pdbx_struct_oper_list.matrix[2][2]         1.0000000000 
_pdbx_struct_oper_list.matrix[2][3]         0.0000000000 
_pdbx_struct_oper_list.vector[2]            0.0000000000 
_pdbx_struct_oper_list.matrix[3][1]         0.0000000000 
_pdbx_struct_oper_list.matrix[3][2]         0.0000000000 
_pdbx_struct_oper_list.matrix[3][3]         1.0000000000 
_pdbx_struct_oper_list.vector[3]            0.0000000000 
# 
_struct_biol.id        1 
_struct_biol.details   ? 
# 
loop_
_struct_conn.id 
_struct_conn.conn_type_id 
_struct_conn.pdbx_leaving_atom_flag 
_struct_conn.pdbx_PDB_id 
_struct_conn.ptnr1_label_asym_id 
_struct_conn.ptnr1_label_comp_id 
_struct_conn.ptnr1_label_seq_id 
_struct_conn.ptnr1_label_atom_id 
_struct_conn.pdbx_ptnr1_label_alt_id 
_struct_conn.pdbx_ptnr1_PDB_ins_code 
_struct_conn.pdbx_ptnr1_standard_comp_id 
_struct_conn.ptnr1_symmetry 
_struct_conn.ptnr2_label_asym_id 
_struct_conn.ptnr2_label_comp_id 
_struct_conn.ptnr2_label_seq_id 
_struct_conn.ptnr2_label_atom_id 
_struct_conn.pdbx_ptnr2_label_alt_id 
_struct_conn.pdbx_ptnr2_PDB_ins_code 
_struct_conn.ptnr1_auth_asym_id 
_struct_conn.ptnr1_auth_comp_id 
_struct_conn.ptnr1_auth_seq_id 
_struct_conn.ptnr2_auth_asym_id 
_struct_conn.ptnr2_auth_comp_id 
_struct_conn.ptnr2_auth_seq_id 
_struct_conn.ptnr2_symmetry 
_struct_conn.pdbx_ptnr3_label_atom_id 
_struct_conn.pdbx_ptnr3_label_seq_id 
_struct_conn.pdbx_ptnr3_label_comp_id 
_struct_conn.pdbx_ptnr3_label_asym_id 
_struct_conn.pdbx_ptnr3_label_alt_id 
_struct_conn.pdbx_ptnr3_PDB_ins_code 
_struct_conn.details 
_struct_conn.pdbx_dist_value 
_struct_conn.pdbx_value_order 
_struct_conn.pdbx_role 
covale1 covale both ? A BRU 1 "O3'" ? ? ? 1_555 A DA  2 P  ? ? A BRU 1 A DA  2  1_555 ? ? ? ? ? ? ?            1.601 ? ? 
covale2 covale both ? B BRU 1 "O3'" ? ? ? 1_555 B DA  2 P  ? ? B BRU 1 B DA  2  1_555 ? ? ? ? ? ? ?            1.601 ? ? 
metalc1 metalc ?    ? C MG  . MG    ? ? ? 1_555 D 5BD . O4 ? ? A MG  5 A 5BD 6  1_555 ? ? ? ? ? ? ?            2.186 ? ? 
metalc2 metalc ?    ? C MG  . MG    ? ? ? 1_555 H HOH . O  ? ? A MG  5 A HOH 9  1_555 ? ? ? ? ? ? ?            1.995 ? ? 
metalc3 metalc ?    ? C MG  . MG    ? ? ? 1_555 H HOH . O  ? ? A MG  5 A HOH 10 1_555 ? ? ? ? ? ? ?            2.000 ? ? 
metalc4 metalc ?    ? C MG  . MG    ? ? ? 1_555 H HOH . O  ? ? A MG  5 A HOH 11 1_555 ? ? ? ? ? ? ?            2.003 ? ? 
metalc5 metalc ?    ? C MG  . MG    ? ? ? 1_555 H HOH . O  ? ? A MG  5 A HOH 12 1_555 ? ? ? ? ? ? ?            2.000 ? ? 
hydrog1 hydrog ?    ? A BRU 1 N3    ? ? ? 1_555 B DA  2 N1 ? ? A BRU 1 B DA  2  1_555 ? ? ? ? ? ? WATSON-CRICK ?     ? ? 
hydrog2 hydrog ?    ? A BRU 1 O4    ? ? ? 1_555 B DA  2 N6 ? ? A BRU 1 B DA  2  1_555 ? ? ? ? ? ? WATSON-CRICK ?     ? ? 
# 
loop_
_struct_conn_type.id 
_struct_conn_type.criteria 
_struct_conn_type.reference 
covale ? ? 
metalc ? ? 
hydrog ? ? 
# 
loop_
_pdbx_struct_conn_angle.id 
_pdbx_struct_conn_angle.ptnr1_label_atom_id 
_pdbx_struct_conn_angle.ptnr1_label_alt_id 
_pdbx_struct_conn_angle.ptnr1_label_asym_id 
_pdbx_struct_conn_angle.ptnr1_label_comp_id 
_pdbx_struct_conn_angle.ptnr1_label_seq_id 
_pdbx_struct_conn_angle.ptnr1_auth_atom_id 
_pdbx_struct_conn_angle.ptnr1_auth_asym_id 
_pdbx_struct_conn_angle.ptnr1_auth_comp_id 
_pdbx_struct_conn_angle.ptnr1_auth_seq_id 
_pdbx_struct_conn_angle.ptnr1_PDB_ins_code 
_pdbx_struct_conn_angle.ptnr1_symmetry 
_pdbx_struct_conn_angle.ptnr2_label_atom_id 
_pdbx_struct_conn_angle.ptnr2_label_alt_id 
_pdbx_struct_conn_angle.ptnr2_label_asym_id 
_pdbx_struct_conn_angle.ptnr2_label_comp_id 
_pdbx_struct_conn_angle.ptnr2_label_seq_id 
_pdbx_struct_conn_angle.ptnr2_auth_atom_id 
_pdbx_struct_conn_angle.ptnr2_auth_asym_id 
_pdbx_struct_conn_angle.ptnr2_auth_comp_id 
_pdbx_struct_conn_angle.ptnr2_auth_seq_id 
_pdbx_struct_conn_angle.ptnr2_PDB_ins_code 
_pdbx_struct_conn_angle.ptnr2_symmetry 
_pdbx_struct_conn_angle.ptnr3_label_atom_id 
_pdbx_struct_conn_angle.ptnr3_label_alt_id 
_pdbx_struct_conn_angle.ptnr3_label_asym_id 
_pdbx_struct_conn_angle.ptnr3_label_comp_id 
_pdbx_struct_conn_angle.ptnr3_label_seq_id 
_pdbx_struct_conn_angle.ptnr3_auth_atom_id 
_pdbx_struct_conn_angle.ptnr3_auth_asym_id 
_pdbx_struct_conn_angle.ptnr3_auth_comp_id 
_pdbx_struct_conn_angle.ptnr3_auth_seq_id 
_pdbx_struct_conn_angle.ptnr3_PDB_ins_code 
_pdbx_struct_conn_angle.ptnr3_symmetry 
_pdbx_struct_conn_angle.value 
_pdbx_struct_conn_angle.value_esd 
1  O4 ? D 5BD . ? A 5BD 6  ? 1_555 MG ? C MG . ? A MG 5 ? 1_555 O ? H HOH . ? A HOH 9  ? 1_555 125.8 ? 
2  O4 ? D 5BD . ? A 5BD 6  ? 1_555 MG ? C MG . ? A MG 5 ? 1_555 O ? H HOH . ? A HOH 10 ? 1_555 74.4  ? 
3  O  ? H HOH . ? A HOH 9  ? 1_555 MG ? C MG . ? A MG 5 ? 1_555 O ? H HOH . ? A HOH 10 ? 1_555 144.4 ? 
4  O4 ? D 5BD . ? A 5BD 6  ? 1_555 MG ? C MG . ? A MG 5 ? 1_555 O ? H HOH . ? A HOH 11 ? 1_555 126.3 ? 
5  O  ? H HOH . ? A HOH 9  ? 1_555 MG ? C MG . ? A MG 5 ? 1_555 O ? H HOH . ? A HOH 11 ? 1_555 66.8  ? 
6  O  ? H HOH . ? A HOH 10 ? 1_555 MG ? C MG . ? A MG 5 ? 1_555 O ? H HOH . ? A HOH 11 ? 1_555 77.6  ? 
7  O4 ? D 5BD . ? A 5BD 6  ? 1_555 MG ? C MG . ? A MG 5 ? 1_555 O ? H HOH . ? A HOH 12 ? 1_555 80.7  ? 
8  O  ? H HOH . ? A HOH 9  ? 1_555 MG ? C MG . ? A MG 5 ? 1_555 O ? H HOH . ? A HOH 12 ? 1_555 74.1  ? 
9  O  ? H HOH . ? A HOH 10 ? 1_555 MG ? C MG . ? A MG 5 ? 1_555 O ? H HOH . ? A HOH 12 ? 1_555 82.1  ? 
10 O  ? H HOH . ? A HOH 11 ? 1_555 MG ? C MG . ? A MG 5 ? 1_555 O ? H HOH . ? A HOH 12 ? 1_555 50.5  ? 
# 
loop_
_struct_site.id 
_struct_site.pdbx_evidence_code 
_struct_site.pdbx_auth_asym_id 
_struct_site.pdbx_auth_comp_id 
_struct_site.pdbx_auth_seq_id 
_struct_site.pdbx_auth_ins_code 
_struct_site.pdbx_num_residues 
_struct_site.details 
AC1 Software A MG  5 ? 6 'BINDING SITE FOR RESIDUE MG A 5'  
AC2 Software A 5BD 6 ? 9 'BINDING SITE FOR RESIDUE 5BD A 6' 
AC3 Software A 5BD 7 ? 3 'BINDING SITE FOR RESIDUE 5BD A 7' 
AC4 Software A 5BD 8 ? 6 'BINDING SITE FOR RESIDUE 5BD A 8' 
AC5 Software B 5BD 5 ? 4 'BINDING SITE FOR RESIDUE 5BD B 5' 
1   ?        ? ?   ? ? ? ?                                  
# 
loop_
_struct_site_gen.id 
_struct_site_gen.site_id 
_struct_site_gen.pdbx_num_res 
_struct_site_gen.label_comp_id 
_struct_site_gen.label_asym_id 
_struct_site_gen.label_seq_id 
_struct_site_gen.pdbx_auth_ins_code 
_struct_site_gen.auth_comp_id 
_struct_site_gen.auth_asym_id 
_struct_site_gen.auth_seq_id 
_struct_site_gen.label_atom_id 
_struct_site_gen.label_alt_id 
_struct_site_gen.symmetry 
_struct_site_gen.details 
1  AC1 6 5BD D . ? 5BD A 6  . ? 1_555 ? 
2  AC1 6 HOH H . ? HOH A 9  . ? 1_555 ? 
3  AC1 6 HOH H . ? HOH A 10 . ? 1_555 ? 
4  AC1 6 HOH H . ? HOH A 11 . ? 1_555 ? 
5  AC1 6 HOH H . ? HOH A 12 . ? 1_555 ? 
6  AC1 6 DG  B 4 ? DG  B 4  . ? 8_665 ? 
7  AC2 9 BRU A 1 ? BRU A 1  . ? 5_645 ? 
8  AC2 9 MG  C . ? MG  A 5  . ? 1_555 ? 
9  AC2 9 5BD E . ? 5BD A 7  . ? 1_555 ? 
10 AC2 9 HOH H . ? HOH A 10 . ? 1_555 ? 
11 AC2 9 HOH H . ? HOH A 12 . ? 1_555 ? 
12 AC2 9 HOH H . ? HOH A 14 . ? 1_555 ? 
13 AC2 9 DA  B 2 ? DA  B 2  . ? 5_645 ? 
14 AC2 9 DG  B 3 ? DG  B 3  . ? 5_645 ? 
15 AC2 9 DG  B 4 ? DG  B 4  . ? 5_645 ? 
16 AC3 3 DG  A 3 ? DG  A 3  . ? 1_555 ? 
17 AC3 3 5BD D . ? 5BD A 6  . ? 1_555 ? 
18 AC3 3 DG  B 3 ? DG  B 3  . ? 8_665 ? 
19 AC4 6 DG  A 3 ? DG  A 3  . ? 1_555 ? 
20 AC4 6 HOH H . ? HOH A 13 . ? 1_555 ? 
21 AC4 6 DG  B 3 ? DG  B 3  . ? 8_665 ? 
22 AC4 6 DG  B 4 ? DG  B 4  . ? 8_665 ? 
23 AC4 6 5BD G . ? 5BD B 5  . ? 8_665 ? 
24 AC4 6 5BD G . ? 5BD B 5  . ? 1_555 ? 
25 AC5 4 5BD F . ? 5BD A 8  . ? 1_555 ? 
26 AC5 4 5BD F . ? 5BD A 8  . ? 8_665 ? 
27 AC5 4 DG  B 4 ? DG  B 4  . ? 8_665 ? 
28 AC5 4 DG  B 4 ? DG  B 4  . ? 1_555 ? 
# 
loop_
_pdbx_validate_rmsd_angle.id 
_pdbx_validate_rmsd_angle.PDB_model_num 
_pdbx_validate_rmsd_angle.auth_atom_id_1 
_pdbx_validate_rmsd_angle.auth_asym_id_1 
_pdbx_validate_rmsd_angle.auth_comp_id_1 
_pdbx_validate_rmsd_angle.auth_seq_id_1 
_pdbx_validate_rmsd_angle.PDB_ins_code_1 
_pdbx_validate_rmsd_angle.label_alt_id_1 
_pdbx_validate_rmsd_angle.auth_atom_id_2 
_pdbx_validate_rmsd_angle.auth_asym_id_2 
_pdbx_validate_rmsd_angle.auth_comp_id_2 
_pdbx_validate_rmsd_angle.auth_seq_id_2 
_pdbx_validate_rmsd_angle.PDB_ins_code_2 
_pdbx_validate_rmsd_angle.label_alt_id_2 
_pdbx_validate_rmsd_angle.auth_atom_id_3 
_pdbx_validate_rmsd_angle.auth_asym_id_3 
_pdbx_validate_rmsd_angle.auth_comp_id_3 
_pdbx_validate_rmsd_angle.auth_seq_id_3 
_pdbx_validate_rmsd_angle.PDB_ins_code_3 
_pdbx_validate_rmsd_angle.label_alt_id_3 
_pdbx_validate_rmsd_angle.angle_value 
_pdbx_validate_rmsd_angle.angle_target_value 
_pdbx_validate_rmsd_angle.angle_deviation 
_pdbx_validate_rmsd_angle.angle_standard_deviation 
_pdbx_validate_rmsd_angle.linker_flag 
1 1 "O4'" A DG 3 ? ? "C1'" A DG 3 ? ? N9    A DG 3 ? ? 110.16 108.30 1.86  0.30 N 
2 1 "O4'" B DA 2 ? ? "C1'" B DA 2 ? ? N9    B DA 2 ? ? 110.18 108.30 1.88  0.30 N 
3 1 "C3'" B DG 3 ? ? "C2'" B DG 3 ? ? "C1'" B DG 3 ? ? 97.00  102.40 -5.40 0.80 N 
4 1 "O4'" B DG 3 ? ? "C1'" B DG 3 ? ? N9    B DG 3 ? ? 110.75 108.30 2.45  0.30 N 
# 
loop_
_pdbx_struct_mod_residue.id 
_pdbx_struct_mod_residue.label_asym_id 
_pdbx_struct_mod_residue.label_comp_id 
_pdbx_struct_mod_residue.label_seq_id 
_pdbx_struct_mod_residue.auth_asym_id 
_pdbx_struct_mod_residue.auth_comp_id 
_pdbx_struct_mod_residue.auth_seq_id 
_pdbx_struct_mod_residue.PDB_ins_code 
_pdbx_struct_mod_residue.parent_comp_id 
_pdbx_struct_mod_residue.details 
1 A BRU 1 A BRU 1 ? DU ? 
2 B BRU 1 B BRU 1 ? DU ? 
# 
_struct_site_keywords.site_id   1 
_struct_site_keywords.text      'OUTSIDE BINDER' 
# 
_pdbx_struct_special_symmetry.id              1 
_pdbx_struct_special_symmetry.PDB_model_num   1 
_pdbx_struct_special_symmetry.auth_asym_id    B 
_pdbx_struct_special_symmetry.auth_comp_id    5BD 
_pdbx_struct_special_symmetry.auth_seq_id     5 
_pdbx_struct_special_symmetry.PDB_ins_code    ? 
_pdbx_struct_special_symmetry.label_asym_id   G 
_pdbx_struct_special_symmetry.label_comp_id   5BD 
_pdbx_struct_special_symmetry.label_seq_id    . 
# 
_pdbx_refine_tls.id               1 
_pdbx_refine_tls.details          ? 
_pdbx_refine_tls.method           refined 
_pdbx_refine_tls.origin_x         -0.3498 
_pdbx_refine_tls.origin_y         -0.1006 
_pdbx_refine_tls.origin_z         0.2423 
_pdbx_refine_tls.T[1][1]          0.1354 
_pdbx_refine_tls.T[2][2]          0.0713 
_pdbx_refine_tls.T[3][3]          0.0461 
_pdbx_refine_tls.T[1][2]          0.0136 
_pdbx_refine_tls.T[1][3]          -0.0567 
_pdbx_refine_tls.T[2][3]          0.0473 
_pdbx_refine_tls.L[1][1]          10.3606 
_pdbx_refine_tls.L[2][2]          1.9167 
_pdbx_refine_tls.L[3][3]          4.5460 
_pdbx_refine_tls.L[1][2]          -1.3947 
_pdbx_refine_tls.L[1][3]          -4.8948 
_pdbx_refine_tls.L[2][3]          2.6241 
_pdbx_refine_tls.S[1][1]          -0.1711 
_pdbx_refine_tls.S[1][2]          -0.3645 
_pdbx_refine_tls.S[1][3]          0.4536 
_pdbx_refine_tls.S[2][1]          0.0401 
_pdbx_refine_tls.S[2][2]          0.4630 
_pdbx_refine_tls.S[2][3]          0.0217 
_pdbx_refine_tls.S[3][1]          -0.1943 
_pdbx_refine_tls.S[3][2]          0.2052 
_pdbx_refine_tls.S[3][3]          -0.2920 
_pdbx_refine_tls.pdbx_refine_id   'X-RAY DIFFRACTION' 
# 
loop_
_pdbx_refine_tls_group.id 
_pdbx_refine_tls_group.refine_tls_id 
_pdbx_refine_tls_group.beg_auth_asym_id 
_pdbx_refine_tls_group.beg_auth_seq_id 
_pdbx_refine_tls_group.beg_label_asym_id 
_pdbx_refine_tls_group.beg_label_seq_id 
_pdbx_refine_tls_group.end_auth_asym_id 
_pdbx_refine_tls_group.end_auth_seq_id 
_pdbx_refine_tls_group.end_label_asym_id 
_pdbx_refine_tls_group.end_label_seq_id 
_pdbx_refine_tls_group.selection 
_pdbx_refine_tls_group.selection_details 
_pdbx_refine_tls_group.pdbx_refine_id 
1 1 A 1 ? ? A 4 ? ? ? ? 'X-RAY DIFFRACTION' 
2 1 B 1 ? ? B 4 ? ? ? ? 'X-RAY DIFFRACTION' 
3 1 A 1 ? ? A 6 ? ? ? ? 'X-RAY DIFFRACTION' 
4 1 A 1 ? ? A 7 ? ? ? ? 'X-RAY DIFFRACTION' 
5 1 A 1 ? ? A 8 ? ? ? ? 'X-RAY DIFFRACTION' 
6 1 B 1 ? ? B 5 ? ? ? ? 'X-RAY DIFFRACTION' 
7 1 A 1 ? ? A 7 ? ? ? ? 'X-RAY DIFFRACTION' 
8 1 I 1 ? ? I 2 ? ? ? ? 'X-RAY DIFFRACTION' 
# 
loop_
_chem_comp_atom.comp_id 
_chem_comp_atom.atom_id 
_chem_comp_atom.type_symbol 
_chem_comp_atom.pdbx_aromatic_flag 
_chem_comp_atom.pdbx_stereo_config 
_chem_comp_atom.pdbx_ordinal 
5BD C1     C  Y N 1   
5BD C2     C  Y N 2   
5BD C3     C  Y N 3   
5BD C5     C  Y N 4   
5BD C6     C  Y N 5   
5BD C7     C  Y N 6   
5BD C8     C  Y N 7   
5BD C9     C  N N 8   
5BD C11    C  Y N 9   
5BD C12    C  Y N 10  
5BD C13    C  N N 11  
5BD C14    C  N N 12  
5BD O1     O  N N 13  
5BD N1     N  N N 14  
5BD C4     C  Y N 15  
5BD O2     O  N N 16  
5BD O3     O  N N 17  
5BD C15    C  Y N 18  
5BD C16    C  Y N 19  
5BD N2     N  N N 20  
5BD C10    C  N N 21  
5BD O4     O  N N 22  
5BD H1     H  N N 23  
5BD H2     H  N N 24  
5BD H5     H  N N 25  
5BD H7     H  N N 26  
5BD H8     H  N N 27  
5BD C17    C  N N 28  
5BD H4     H  N N 29  
5BD HN2    H  N N 30  
5BD C18    C  N N 31  
5BD H81    H  N N 32  
5BD H9     H  N N 33  
5BD N3     N  N N 34  
5BD H10    H  N N 35  
5BD H11    H  N N 36  
5BD H12    H  N N 37  
5BD N4     N  N N 38  
5BD C19    C  N N 39  
5BD C20    C  N N 40  
5BD H13    H  N N 41  
5BD H14    H  N N 42  
5BD H15    H  N N 43  
5BD H16    H  N N 44  
5BD H17    H  N N 45  
5BD H18    H  N N 46  
5BD C21    C  N N 47  
5BD C22    C  N N 48  
5BD H19    H  N N 49  
5BD H20    H  N N 50  
5BD H21    H  N N 51  
5BD H22    H  N N 52  
5BD H23    H  N N 53  
5BD H24    H  N N 54  
BRU N1     N  N N 55  
BRU C2     C  N N 56  
BRU N3     N  N N 57  
BRU C4     C  N N 58  
BRU C5     C  N N 59  
BRU C6     C  N N 60  
BRU O2     O  N N 61  
BRU O4     O  N N 62  
BRU BR     BR N N 63  
BRU "C1'"  C  N R 64  
BRU "C2'"  C  N N 65  
BRU "C3'"  C  N S 66  
BRU "C4'"  C  N R 67  
BRU "O3'"  O  N N 68  
BRU "O4'"  O  N N 69  
BRU "C5'"  C  N N 70  
BRU "O5'"  O  N N 71  
BRU P      P  N N 72  
BRU OP1    O  N N 73  
BRU OP2    O  N N 74  
BRU OP3    O  N N 75  
BRU HN3    H  N N 76  
BRU H6     H  N N 77  
BRU "H1'"  H  N N 78  
BRU "H2'"  H  N N 79  
BRU "H2''" H  N N 80  
BRU "H3'"  H  N N 81  
BRU "H4'"  H  N N 82  
BRU "HO3'" H  N N 83  
BRU "H5'"  H  N N 84  
BRU "H5''" H  N N 85  
BRU HOP2   H  N N 86  
BRU HOP3   H  N N 87  
DA  OP3    O  N N 88  
DA  P      P  N N 89  
DA  OP1    O  N N 90  
DA  OP2    O  N N 91  
DA  "O5'"  O  N N 92  
DA  "C5'"  C  N N 93  
DA  "C4'"  C  N R 94  
DA  "O4'"  O  N N 95  
DA  "C3'"  C  N S 96  
DA  "O3'"  O  N N 97  
DA  "C2'"  C  N N 98  
DA  "C1'"  C  N R 99  
DA  N9     N  Y N 100 
DA  C8     C  Y N 101 
DA  N7     N  Y N 102 
DA  C5     C  Y N 103 
DA  C6     C  Y N 104 
DA  N6     N  N N 105 
DA  N1     N  Y N 106 
DA  C2     C  Y N 107 
DA  N3     N  Y N 108 
DA  C4     C  Y N 109 
DA  HOP3   H  N N 110 
DA  HOP2   H  N N 111 
DA  "H5'"  H  N N 112 
DA  "H5''" H  N N 113 
DA  "H4'"  H  N N 114 
DA  "H3'"  H  N N 115 
DA  "HO3'" H  N N 116 
DA  "H2'"  H  N N 117 
DA  "H2''" H  N N 118 
DA  "H1'"  H  N N 119 
DA  H8     H  N N 120 
DA  H61    H  N N 121 
DA  H62    H  N N 122 
DA  H2     H  N N 123 
DG  OP3    O  N N 124 
DG  P      P  N N 125 
DG  OP1    O  N N 126 
DG  OP2    O  N N 127 
DG  "O5'"  O  N N 128 
DG  "C5'"  C  N N 129 
DG  "C4'"  C  N R 130 
DG  "O4'"  O  N N 131 
DG  "C3'"  C  N S 132 
DG  "O3'"  O  N N 133 
DG  "C2'"  C  N N 134 
DG  "C1'"  C  N R 135 
DG  N9     N  Y N 136 
DG  C8     C  Y N 137 
DG  N7     N  Y N 138 
DG  C5     C  Y N 139 
DG  C6     C  N N 140 
DG  O6     O  N N 141 
DG  N1     N  N N 142 
DG  C2     C  N N 143 
DG  N2     N  N N 144 
DG  N3     N  N N 145 
DG  C4     C  Y N 146 
DG  HOP3   H  N N 147 
DG  HOP2   H  N N 148 
DG  "H5'"  H  N N 149 
DG  "H5''" H  N N 150 
DG  "H4'"  H  N N 151 
DG  "H3'"  H  N N 152 
DG  "HO3'" H  N N 153 
DG  "H2'"  H  N N 154 
DG  "H2''" H  N N 155 
DG  "H1'"  H  N N 156 
DG  H8     H  N N 157 
DG  H1     H  N N 158 
DG  H21    H  N N 159 
DG  H22    H  N N 160 
HOH O      O  N N 161 
HOH H1     H  N N 162 
HOH H2     H  N N 163 
MG  MG     MG N N 164 
# 
loop_
_chem_comp_bond.comp_id 
_chem_comp_bond.atom_id_1 
_chem_comp_bond.atom_id_2 
_chem_comp_bond.value_order 
_chem_comp_bond.pdbx_aromatic_flag 
_chem_comp_bond.pdbx_stereo_config 
_chem_comp_bond.pdbx_ordinal 
5BD C1    C2     doub Y N 1   
5BD C1    C11    sing Y N 2   
5BD C1    H1     sing N N 3   
5BD C2    C3     sing Y N 4   
5BD C2    H2     sing N N 5   
5BD C3    N1     sing N N 6   
5BD C3    C4     doub Y N 7   
5BD C5    C6     doub Y N 8   
5BD C5    C16    sing Y N 9   
5BD C5    H5     sing N N 10  
5BD C6    C7     sing Y N 11  
5BD C6    N2     sing N N 12  
5BD C7    C8     doub Y N 13  
5BD C7    H7     sing N N 14  
5BD C8    C15    sing Y N 15  
5BD C8    H8     sing N N 16  
5BD C9    O1     doub N N 17  
5BD C9    N1     sing N N 18  
5BD C9    C17    sing N N 19  
5BD C11   C12    doub Y N 20  
5BD C11   C14    sing N N 21  
5BD C12   C13    sing N N 22  
5BD C12   C4     sing Y N 23  
5BD C13   O2     doub N N 24  
5BD C13   C16    sing N N 25  
5BD C14   O3     doub N N 26  
5BD C14   C15    sing N N 27  
5BD N1    H81    sing N N 28  
5BD C4    H4     sing N N 29  
5BD C15   C16    doub Y N 30  
5BD N2    C10    sing N N 31  
5BD N2    HN2    sing N N 32  
5BD C10   O4     doub N N 33  
5BD C10   C18    sing N N 34  
5BD C17   H9     sing N N 35  
5BD C17   N3     sing N N 36  
5BD C17   H10    sing N N 37  
5BD C18   H11    sing N N 38  
5BD C18   H12    sing N N 39  
5BD C18   N4     sing N N 40  
5BD N3    C19    sing N N 41  
5BD N3    C20    sing N N 42  
5BD N4    C21    sing N N 43  
5BD N4    C22    sing N N 44  
5BD C19   H16    sing N N 45  
5BD C19   H17    sing N N 46  
5BD C19   H18    sing N N 47  
5BD C20   H13    sing N N 48  
5BD C20   H14    sing N N 49  
5BD C20   H15    sing N N 50  
5BD C21   H19    sing N N 51  
5BD C21   H20    sing N N 52  
5BD C21   H21    sing N N 53  
5BD C22   H22    sing N N 54  
5BD C22   H23    sing N N 55  
5BD C22   H24    sing N N 56  
BRU N1    C2     sing N N 57  
BRU N1    C6     sing N N 58  
BRU N1    "C1'"  sing N N 59  
BRU C2    N3     sing N N 60  
BRU C2    O2     doub N N 61  
BRU N3    C4     sing N N 62  
BRU N3    HN3    sing N N 63  
BRU C4    C5     sing N N 64  
BRU C4    O4     doub N N 65  
BRU C5    C6     doub N N 66  
BRU C5    BR     sing N N 67  
BRU C6    H6     sing N N 68  
BRU "C1'" "C2'"  sing N N 69  
BRU "C1'" "O4'"  sing N N 70  
BRU "C1'" "H1'"  sing N N 71  
BRU "C2'" "C3'"  sing N N 72  
BRU "C2'" "H2'"  sing N N 73  
BRU "C2'" "H2''" sing N N 74  
BRU "C3'" "C4'"  sing N N 75  
BRU "C3'" "O3'"  sing N N 76  
BRU "C3'" "H3'"  sing N N 77  
BRU "C4'" "O4'"  sing N N 78  
BRU "C4'" "C5'"  sing N N 79  
BRU "C4'" "H4'"  sing N N 80  
BRU "O3'" "HO3'" sing N N 81  
BRU "C5'" "O5'"  sing N N 82  
BRU "C5'" "H5'"  sing N N 83  
BRU "C5'" "H5''" sing N N 84  
BRU "O5'" P      sing N N 85  
BRU P     OP1    doub N N 86  
BRU P     OP2    sing N N 87  
BRU P     OP3    sing N N 88  
BRU OP2   HOP2   sing N N 89  
BRU OP3   HOP3   sing N N 90  
DA  OP3   P      sing N N 91  
DA  OP3   HOP3   sing N N 92  
DA  P     OP1    doub N N 93  
DA  P     OP2    sing N N 94  
DA  P     "O5'"  sing N N 95  
DA  OP2   HOP2   sing N N 96  
DA  "O5'" "C5'"  sing N N 97  
DA  "C5'" "C4'"  sing N N 98  
DA  "C5'" "H5'"  sing N N 99  
DA  "C5'" "H5''" sing N N 100 
DA  "C4'" "O4'"  sing N N 101 
DA  "C4'" "C3'"  sing N N 102 
DA  "C4'" "H4'"  sing N N 103 
DA  "O4'" "C1'"  sing N N 104 
DA  "C3'" "O3'"  sing N N 105 
DA  "C3'" "C2'"  sing N N 106 
DA  "C3'" "H3'"  sing N N 107 
DA  "O3'" "HO3'" sing N N 108 
DA  "C2'" "C1'"  sing N N 109 
DA  "C2'" "H2'"  sing N N 110 
DA  "C2'" "H2''" sing N N 111 
DA  "C1'" N9     sing N N 112 
DA  "C1'" "H1'"  sing N N 113 
DA  N9    C8     sing Y N 114 
DA  N9    C4     sing Y N 115 
DA  C8    N7     doub Y N 116 
DA  C8    H8     sing N N 117 
DA  N7    C5     sing Y N 118 
DA  C5    C6     sing Y N 119 
DA  C5    C4     doub Y N 120 
DA  C6    N6     sing N N 121 
DA  C6    N1     doub Y N 122 
DA  N6    H61    sing N N 123 
DA  N6    H62    sing N N 124 
DA  N1    C2     sing Y N 125 
DA  C2    N3     doub Y N 126 
DA  C2    H2     sing N N 127 
DA  N3    C4     sing Y N 128 
DG  OP3   P      sing N N 129 
DG  OP3   HOP3   sing N N 130 
DG  P     OP1    doub N N 131 
DG  P     OP2    sing N N 132 
DG  P     "O5'"  sing N N 133 
DG  OP2   HOP2   sing N N 134 
DG  "O5'" "C5'"  sing N N 135 
DG  "C5'" "C4'"  sing N N 136 
DG  "C5'" "H5'"  sing N N 137 
DG  "C5'" "H5''" sing N N 138 
DG  "C4'" "O4'"  sing N N 139 
DG  "C4'" "C3'"  sing N N 140 
DG  "C4'" "H4'"  sing N N 141 
DG  "O4'" "C1'"  sing N N 142 
DG  "C3'" "O3'"  sing N N 143 
DG  "C3'" "C2'"  sing N N 144 
DG  "C3'" "H3'"  sing N N 145 
DG  "O3'" "HO3'" sing N N 146 
DG  "C2'" "C1'"  sing N N 147 
DG  "C2'" "H2'"  sing N N 148 
DG  "C2'" "H2''" sing N N 149 
DG  "C1'" N9     sing N N 150 
DG  "C1'" "H1'"  sing N N 151 
DG  N9    C8     sing Y N 152 
DG  N9    C4     sing Y N 153 
DG  C8    N7     doub Y N 154 
DG  C8    H8     sing N N 155 
DG  N7    C5     sing Y N 156 
DG  C5    C6     sing N N 157 
DG  C5    C4     doub Y N 158 
DG  C6    O6     doub N N 159 
DG  C6    N1     sing N N 160 
DG  N1    C2     sing N N 161 
DG  N1    H1     sing N N 162 
DG  C2    N2     sing N N 163 
DG  C2    N3     doub N N 164 
DG  N2    H21    sing N N 165 
DG  N2    H22    sing N N 166 
DG  N3    C4     sing N N 167 
HOH O     H1     sing N N 168 
HOH O     H2     sing N N 169 
# 
_ndb_struct_conf_na.entry_id   3GDD 
_ndb_struct_conf_na.feature    'double helix' 
# 
_ndb_struct_na_base_pair.model_number      1 
_ndb_struct_na_base_pair.i_label_asym_id   A 
_ndb_struct_na_base_pair.i_label_comp_id   BRU 
_ndb_struct_na_base_pair.i_label_seq_id    1 
_ndb_struct_na_base_pair.i_symmetry        1_555 
_ndb_struct_na_base_pair.j_label_asym_id   B 
_ndb_struct_na_base_pair.j_label_comp_id   DA 
_ndb_struct_na_base_pair.j_label_seq_id    2 
_ndb_struct_na_base_pair.j_symmetry        1_555 
_ndb_struct_na_base_pair.shear             0.155 
_ndb_struct_na_base_pair.stretch           0.039 
_ndb_struct_na_base_pair.stagger           -0.642 
_ndb_struct_na_base_pair.buckle            22.616 
_ndb_struct_na_base_pair.propeller         -15.226 
_ndb_struct_na_base_pair.opening           3.350 
_ndb_struct_na_base_pair.pair_number       1 
_ndb_struct_na_base_pair.pair_name         A_BRU1:DA2_B 
_ndb_struct_na_base_pair.i_auth_asym_id    A 
_ndb_struct_na_base_pair.i_auth_seq_id     1 
_ndb_struct_na_base_pair.i_PDB_ins_code    ? 
_ndb_struct_na_base_pair.j_auth_asym_id    B 
_ndb_struct_na_base_pair.j_auth_seq_id     2 
_ndb_struct_na_base_pair.j_PDB_ins_code    ? 
_ndb_struct_na_base_pair.hbond_type_28     20 
_ndb_struct_na_base_pair.hbond_type_12     1 
# 
_atom_sites.entry_id                    3GDD 
_atom_sites.fract_transf_matrix[1][1]   -0.02201482 
_atom_sites.fract_transf_matrix[1][2]   -0.00098373 
_atom_sites.fract_transf_matrix[1][3]   -0.02545945 
_atom_sites.fract_transf_matrix[2][1]   -0.00217375 
_atom_sites.fract_transf_matrix[2][2]   -0.03345169 
_atom_sites.fract_transf_matrix[2][3]   0.00317218 
_atom_sites.fract_transf_matrix[3][1]   -0.01238292 
_atom_sites.fract_transf_matrix[3][2]   0.00181340 
_atom_sites.fract_transf_matrix[3][3]   0.01063746 
_atom_sites.fract_transf_vector[1]      0.899546 
_atom_sites.fract_transf_vector[2]      0.049150 
_atom_sites.fract_transf_vector[3]      0.351860 
# 
loop_
_atom_type.symbol 
BR 
C  
MG 
N  
O  
P  
# 
loop_
_atom_site.group_PDB 
_atom_site.id 
_atom_site.type_symbol 
_atom_site.label_atom_id 
_atom_site.label_alt_id 
_atom_site.label_comp_id 
_atom_site.label_asym_id 
_atom_site.label_entity_id 
_atom_site.label_seq_id 
_atom_site.pdbx_PDB_ins_code 
_atom_site.Cartn_x 
_atom_site.Cartn_y 
_atom_site.Cartn_z 
_atom_site.occupancy 
_atom_site.B_iso_or_equiv 
_atom_site.pdbx_formal_charge 
_atom_site.auth_seq_id 
_atom_site.auth_comp_id 
_atom_site.auth_asym_id 
_atom_site.auth_atom_id 
_atom_site.pdbx_PDB_model_num 
HETATM 1   N  N1    . BRU A 1 1 ? -7.105  -1.035  7.904  1.00 56.79  ? 1  BRU A N1    1 
HETATM 2   C  C2    . BRU A 1 1 ? -7.225  -1.622  6.616  1.00 53.96  ? 1  BRU A C2    1 
HETATM 3   N  N3    . BRU A 1 1 ? -8.393  -2.121  6.188  1.00 53.37  ? 1  BRU A N3    1 
HETATM 4   C  C4    . BRU A 1 1 ? -9.483  -2.087  6.959  1.00 55.53  ? 1  BRU A C4    1 
HETATM 5   C  C5    . BRU A 1 1 ? -9.402  -1.483  8.317  1.00 58.69  ? 1  BRU A C5    1 
HETATM 6   C  C6    . BRU A 1 1 ? -8.170  -0.977  8.726  1.00 59.35  ? 1  BRU A C6    1 
HETATM 7   O  O2    . BRU A 1 1 ? -6.240  -1.685  5.847  1.00 52.25  ? 1  BRU A O2    1 
HETATM 8   O  O4    . BRU A 1 1 ? -10.553 -2.558  6.524  1.00 55.98  ? 1  BRU A O4    1 
HETATM 9   BR BR    . BRU A 1 1 ? -10.651 -1.416  9.266  1.00 62.53  ? 1  BRU A BR    1 
HETATM 10  C  "C1'" . BRU A 1 1 ? -5.796  -0.516  8.344  1.00 58.36  ? 1  BRU A "C1'" 1 
HETATM 11  C  "C2'" . BRU A 1 1 ? -5.620  0.974   8.105  1.00 57.82  ? 1  BRU A "C2'" 1 
HETATM 12  C  "C3'" . BRU A 1 1 ? -4.777  1.439   9.279  1.00 62.18  ? 1  BRU A "C3'" 1 
HETATM 13  C  "C4'" . BRU A 1 1 ? -4.953  0.385   10.357 1.00 65.83  ? 1  BRU A "C4'" 1 
HETATM 14  O  "O3'" . BRU A 1 1 ? -3.390  1.464   8.927  1.00 61.43  ? 1  BRU A "O3'" 1 
HETATM 15  O  "O4'" . BRU A 1 1 ? -5.595  -0.738  9.744  1.00 63.12  ? 1  BRU A "O4'" 1 
HETATM 16  C  "C5'" . BRU A 1 1 ? -5.766  0.906   11.541 1.00 70.39  ? 1  BRU A "C5'" 1 
HETATM 17  O  "O5'" . BRU A 1 1 ? -7.140  1.040   11.176 1.00 68.15  ? 1  BRU A "O5'" 1 
ATOM   18  P  P     . DA  A 1 2 ? -2.697  2.772   8.317  1.00 61.09  ? 2  DA  A P     1 
ATOM   19  O  OP1   . DA  A 1 2 ? -1.232  2.565   8.382  1.00 62.92  ? 2  DA  A OP1   1 
ATOM   20  O  OP2   . DA  A 1 2 ? -3.310  3.972   8.934  1.00 64.45  ? 2  DA  A OP2   1 
ATOM   21  O  "O5'" . DA  A 1 2 ? -3.144  2.722   6.783  1.00 54.66  ? 2  DA  A "O5'" 1 
ATOM   22  C  "C5'" . DA  A 1 2 ? -2.595  1.770   5.881  1.00 49.21  ? 2  DA  A "C5'" 1 
ATOM   23  C  "C4'" . DA  A 1 2 ? -3.141  1.986   4.478  1.00 44.82  ? 2  DA  A "C4'" 1 
ATOM   24  O  "O4'" . DA  A 1 2 ? -4.450  1.372   4.365  1.00 42.44  ? 2  DA  A "O4'" 1 
ATOM   25  C  "C3'" . DA  A 1 2 ? -3.322  3.440   4.041  1.00 46.38  ? 2  DA  A "C3'" 1 
ATOM   26  O  "O3'" . DA  A 1 2 ? -2.986  3.569   2.670  1.00 45.15  ? 2  DA  A "O3'" 1 
ATOM   27  C  "C2'" . DA  A 1 2 ? -4.814  3.683   4.236  1.00 46.32  ? 2  DA  A "C2'" 1 
ATOM   28  C  "C1'" . DA  A 1 2 ? -5.374  2.315   3.859  1.00 41.96  ? 2  DA  A "C1'" 1 
ATOM   29  N  N9    . DA  A 1 2 ? -6.695  2.003   4.407  1.00 41.99  ? 2  DA  A N9    1 
ATOM   30  C  C8    . DA  A 1 2 ? -7.321  2.561   5.492  1.00 44.24  ? 2  DA  A C8    1 
ATOM   31  N  N7    . DA  A 1 2 ? -8.510  2.064   5.737  1.00 43.97  ? 2  DA  A N7    1 
ATOM   32  C  C5    . DA  A 1 2 ? -8.675  1.110   4.747  1.00 41.57  ? 2  DA  A C5    1 
ATOM   33  C  C6    . DA  A 1 2 ? -9.726  0.220   4.442  1.00 41.39  ? 2  DA  A C6    1 
ATOM   34  N  N6    . DA  A 1 2 ? -10.858 0.152   5.144  1.00 43.35  ? 2  DA  A N6    1 
ATOM   35  N  N1    . DA  A 1 2 ? -9.574  -0.602  3.383  1.00 40.31  ? 2  DA  A N1    1 
ATOM   36  C  C2    . DA  A 1 2 ? -8.440  -0.541  2.672  1.00 38.77  ? 2  DA  A C2    1 
ATOM   37  N  N3    . DA  A 1 2 ? -7.384  0.251   2.857  1.00 38.24  ? 2  DA  A N3    1 
ATOM   38  C  C4    . DA  A 1 2 ? -7.566  1.058   3.919  1.00 40.15  ? 2  DA  A C4    1 
ATOM   39  P  P     . DG  A 1 3 ? -1.595  4.201   2.206  1.00 47.10  ? 3  DG  A P     1 
ATOM   40  O  OP1   . DG  A 1 3 ? -1.435  5.522   2.858  1.00 51.94  ? 3  DG  A OP1   1 
ATOM   41  O  OP2   . DG  A 1 3 ? -1.556  4.096   0.728  1.00 45.74  ? 3  DG  A OP2   1 
ATOM   42  O  "O5'" . DG  A 1 3 ? -0.523  3.187   2.826  1.00 45.24  ? 3  DG  A "O5'" 1 
ATOM   43  C  "C5'" . DG  A 1 3 ? -0.165  1.974   2.163  1.00 41.50  ? 3  DG  A "C5'" 1 
ATOM   44  C  "C4'" . DG  A 1 3 ? 1.311   1.953   1.794  1.00 41.84  ? 3  DG  A "C4'" 1 
ATOM   45  O  "O4'" . DG  A 1 3 ? 1.512   2.742   0.596  1.00 42.97  ? 3  DG  A "O4'" 1 
ATOM   46  C  "C3'" . DG  A 1 3 ? 2.286   2.524   2.828  1.00 45.55  ? 3  DG  A "C3'" 1 
ATOM   47  O  "O3'" . DG  A 1 3 ? 3.462   1.724   2.859  1.00 44.30  ? 3  DG  A "O3'" 1 
ATOM   48  C  "C2'" . DG  A 1 3 ? 2.591   3.917   2.278  1.00 49.19  ? 3  DG  A "C2'" 1 
ATOM   49  C  "C1'" . DG  A 1 3 ? 2.654   3.546   0.807  1.00 47.12  ? 3  DG  A "C1'" 1 
ATOM   50  N  N9    . DG  A 1 3 ? 2.692   4.632   -0.167 1.00 50.10  ? 3  DG  A N9    1 
ATOM   51  C  C8    . DG  A 1 3 ? 1.719   5.537   -0.521 1.00 52.53  ? 3  DG  A C8    1 
ATOM   52  N  N7    . DG  A 1 3 ? 2.106   6.368   -1.454 1.00 56.26  ? 3  DG  A N7    1 
ATOM   53  C  C5    . DG  A 1 3 ? 3.412   5.985   -1.738 1.00 55.90  ? 3  DG  A C5    1 
ATOM   54  C  C6    . DG  A 1 3 ? 4.373   6.494   -2.655 1.00 59.50  ? 3  DG  A C6    1 
ATOM   55  O  O6    . DG  A 1 3 ? 4.249   7.442   -3.443 1.00 64.44  ? 3  DG  A O6    1 
ATOM   56  N  N1    . DG  A 1 3 ? 5.586   5.790   -2.603 1.00 57.71  ? 3  DG  A N1    1 
ATOM   57  C  C2    . DG  A 1 3 ? 5.839   4.719   -1.765 1.00 53.70  ? 3  DG  A C2    1 
ATOM   58  N  N2    . DG  A 1 3 ? 7.045   4.125   -1.804 1.00 53.13  ? 3  DG  A N2    1 
ATOM   59  N  N3    . DG  A 1 3 ? 4.950   4.246   -0.911 1.00 51.18  ? 3  DG  A N3    1 
ATOM   60  C  C4    . DG  A 1 3 ? 3.777   4.919   -0.950 1.00 52.14  ? 3  DG  A C4    1 
ATOM   61  P  P     . DG  A 1 4 ? 3.721   0.631   3.995  1.00 44.70  ? 4  DG  A P     1 
ATOM   62  O  OP1   . DG  A 1 4 ? 3.255   1.183   5.288  1.00 48.55  ? 4  DG  A OP1   1 
ATOM   63  O  OP2   . DG  A 1 4 ? 5.127   0.197   3.854  1.00 46.25  ? 4  DG  A OP2   1 
ATOM   64  O  "O5'" . DG  A 1 4 ? 2.768   -0.584  3.567  1.00 40.17  ? 4  DG  A "O5'" 1 
ATOM   65  C  "C5'" . DG  A 1 4 ? 3.206   -1.600  2.666  1.00 36.73  ? 4  DG  A "C5'" 1 
ATOM   66  C  "C4'" . DG  A 1 4 ? 2.055   -2.511  2.275  1.00 34.07  ? 4  DG  A "C4'" 1 
ATOM   67  O  "O4'" . DG  A 1 4 ? 0.833   -1.745  2.106  1.00 32.48  ? 4  DG  A "O4'" 1 
ATOM   68  C  "C3'" . DG  A 1 4 ? 2.261   -3.269  0.963  1.00 32.00  ? 4  DG  A "C3'" 1 
ATOM   69  O  "O3'" . DG  A 1 4 ? 2.255   -4.667  1.219  1.00 34.06  ? 4  DG  A "O3'" 1 
ATOM   70  C  "C2'" . DG  A 1 4 ? 1.083   -2.870  0.073  1.00 29.55  ? 4  DG  A "C2'" 1 
ATOM   71  C  "C1'" . DG  A 1 4 ? 0.068   -2.348  1.082  1.00 29.91  ? 4  DG  A "C1'" 1 
ATOM   72  N  N9    . DG  A 1 4 ? -0.891  -1.372  0.558  1.00 29.08  ? 4  DG  A N9    1 
ATOM   73  C  C8    . DG  A 1 4 ? -0.734  -0.528  -0.516 1.00 29.04  ? 4  DG  A C8    1 
ATOM   74  N  N7    . DG  A 1 4 ? -1.772  0.230   -0.745 1.00 29.94  ? 4  DG  A N7    1 
ATOM   75  C  C5    . DG  A 1 4 ? -2.679  -0.130  0.242  1.00 29.76  ? 4  DG  A C5    1 
ATOM   76  C  C6    . DG  A 1 4 ? -3.986  0.351   0.505  1.00 30.85  ? 4  DG  A C6    1 
ATOM   77  O  O6    . DG  A 1 4 ? -4.614  1.224   -0.111 1.00 32.45  ? 4  DG  A O6    1 
ATOM   78  N  N1    . DG  A 1 4 ? -4.573  -0.281  1.603  1.00 30.73  ? 4  DG  A N1    1 
ATOM   79  C  C2    . DG  A 1 4 ? -3.966  -1.263  2.352  1.00 30.85  ? 4  DG  A C2    1 
ATOM   80  N  N2    . DG  A 1 4 ? -4.671  -1.768  3.376  1.00 32.18  ? 4  DG  A N2    1 
ATOM   81  N  N3    . DG  A 1 4 ? -2.741  -1.722  2.114  1.00 30.53  ? 4  DG  A N3    1 
ATOM   82  C  C4    . DG  A 1 4 ? -2.154  -1.116  1.050  1.00 29.46  ? 4  DG  A C4    1 
HETATM 83  N  N1    . BRU B 1 1 ? -11.723 -1.674  -2.424 1.00 50.57  ? 1  BRU B N1    1 
HETATM 84  C  C2    . BRU B 1 1 ? -11.157 -0.789  -1.460 1.00 48.22  ? 1  BRU B C2    1 
HETATM 85  N  N3    . BRU B 1 1 ? -11.786 -0.522  -0.303 1.00 47.91  ? 1  BRU B N3    1 
HETATM 86  C  C4    . BRU B 1 1 ? -12.967 -1.078  -0.008 1.00 49.77  ? 1  BRU B C4    1 
HETATM 87  C  C5    . BRU B 1 1 ? -13.586 -2.014  -0.986 1.00 53.11  ? 1  BRU B C5    1 
HETATM 88  C  C6    . BRU B 1 1 ? -12.910 -2.266  -2.176 1.00 53.34  ? 1  BRU B C6    1 
HETATM 89  O  O2    . BRU B 1 1 ? -10.056 -0.232  -1.675 1.00 46.52  ? 1  BRU B O2    1 
HETATM 90  O  O4    . BRU B 1 1 ? -13.523 -0.812  1.078  1.00 49.72  ? 1  BRU B O4    1 
HETATM 91  BR BR    . BRU B 1 1 ? -14.960 -2.702  -0.697 1.00 57.54  ? 1  BRU B BR    1 
HETATM 92  C  "C1'" . BRU B 1 1 ? -11.002 -1.944  -3.682 1.00 50.90  ? 1  BRU B "C1'" 1 
HETATM 93  C  "C2'" . BRU B 1 1 ? -10.252 -3.262  -3.566 1.00 48.03  ? 1  BRU B "C2'" 1 
HETATM 94  C  "C3'" . BRU B 1 1 ? -11.023 -4.217  -4.457 1.00 52.22  ? 1  BRU B "C3'" 1 
HETATM 95  C  "C4'" . BRU B 1 1 ? -11.700 -3.316  -5.474 1.00 56.62  ? 1  BRU B "C4'" 1 
HETATM 96  O  "O3'" . BRU B 1 1 ? -10.170 -5.178  -5.080 1.00 51.64  ? 1  BRU B "O3'" 1 
HETATM 97  O  "O4'" . BRU B 1 1 ? -11.890 -2.067  -4.802 1.00 55.62  ? 1  BRU B "O4'" 1 
HETATM 98  C  "C5'" . BRU B 1 1 ? -13.029 -3.883  -5.959 1.00 62.62  ? 1  BRU B "C5'" 1 
HETATM 99  O  "O5'" . BRU B 1 1 ? -13.947 -3.972  -4.873 1.00 62.43  ? 1  BRU B "O5'" 1 
ATOM   100 P  P     . DA  B 1 2 ? -9.880  -6.574  -4.351 1.00 51.16  ? 2  DA  B P     1 
ATOM   101 O  OP1   . DA  B 1 2 ? -9.090  -7.405  -5.285 1.00 53.11  ? 2  DA  B OP1   1 
ATOM   102 O  OP2   . DA  B 1 2 ? -11.149 -7.110  -3.807 1.00 54.94  ? 2  DA  B OP2   1 
ATOM   103 O  "O5'" . DA  B 1 2 ? -8.948  -6.146  -3.124 1.00 45.78  ? 2  DA  B "O5'" 1 
ATOM   104 C  "C5'" . DA  B 1 2 ? -7.626  -5.644  -3.332 1.00 42.38  ? 2  DA  B "C5'" 1 
ATOM   105 C  "C4'" . DA  B 1 2 ? -6.679  -6.195  -2.278 1.00 40.41  ? 2  DA  B "C4'" 1 
ATOM   106 O  "O4'" . DA  B 1 2 ? -7.088  -5.750  -0.957 1.00 39.51  ? 2  DA  B "O4'" 1 
ATOM   107 C  "C3'" . DA  B 1 2 ? -6.609  -7.723  -2.215 1.00 43.20  ? 2  DA  B "C3'" 1 
ATOM   108 O  "O3'" . DA  B 1 2 ? -5.283  -8.169  -1.910 1.00 42.01  ? 2  DA  B "O3'" 1 
ATOM   109 C  "C2'" . DA  B 1 2 ? -7.565  -8.027  -1.068 1.00 45.36  ? 2  DA  B "C2'" 1 
ATOM   110 C  "C1'" . DA  B 1 2 ? -7.200  -6.886  -0.125 1.00 41.98  ? 2  DA  B "C1'" 1 
ATOM   111 N  N9    . DA  B 1 2 ? -8.152  -6.628  0.957  1.00 43.04  ? 2  DA  B N9    1 
ATOM   112 C  C8    . DA  B 1 2 ? -9.281  -7.339  1.258  1.00 46.72  ? 2  DA  B C8    1 
ATOM   113 N  N7    . DA  B 1 2 ? -9.941  -6.874  2.292  1.00 47.31  ? 2  DA  B N7    1 
ATOM   114 C  C5    . DA  B 1 2 ? -9.191  -5.786  2.704  1.00 43.61  ? 2  DA  B C5    1 
ATOM   115 C  C6    . DA  B 1 2 ? -9.356  -4.861  3.758  1.00 43.14  ? 2  DA  B C6    1 
ATOM   116 N  N6    . DA  B 1 2 ? -10.381 -4.907  4.615  1.00 45.42  ? 2  DA  B N6    1 
ATOM   117 N  N1    . DA  B 1 2 ? -8.426  -3.886  3.897  1.00 40.66  ? 2  DA  B N1    1 
ATOM   118 C  C2    . DA  B 1 2 ? -7.402  -3.849  3.033  1.00 38.79  ? 2  DA  B C2    1 
ATOM   119 N  N3    . DA  B 1 2 ? -7.146  -4.663  2.006  1.00 38.55  ? 2  DA  B N3    1 
ATOM   120 C  C4    . DA  B 1 2 ? -8.084  -5.620  1.893  1.00 41.17  ? 2  DA  B C4    1 
ATOM   121 P  P     . DG  B 1 3 ? -4.163  -8.445  -3.027 1.00 41.48  ? 3  DG  B P     1 
ATOM   122 O  OP1   . DG  B 1 3 ? -4.812  -8.843  -4.299 1.00 44.84  ? 3  DG  B OP1   1 
ATOM   123 O  OP2   . DG  B 1 3 ? -3.145  -9.333  -2.426 1.00 42.33  ? 3  DG  B OP2   1 
ATOM   124 O  "O5'" . DG  B 1 3 ? -3.492  -7.000  -3.180 1.00 37.42  ? 3  DG  B "O5'" 1 
ATOM   125 C  "C5'" . DG  B 1 3 ? -3.846  -6.108  -4.231 1.00 36.56  ? 3  DG  B "C5'" 1 
ATOM   126 C  "C4'" . DG  B 1 3 ? -2.697  -5.931  -5.206 1.00 35.60  ? 3  DG  B "C4'" 1 
ATOM   127 O  "O4'" . DG  B 1 3 ? -1.464  -6.488  -4.678 1.00 34.69  ? 3  DG  B "O4'" 1 
ATOM   128 C  "C3'" . DG  B 1 3 ? -2.906  -6.606  -6.557 1.00 38.31  ? 3  DG  B "C3'" 1 
ATOM   129 O  "O3'" . DG  B 1 3 ? -2.408  -5.746  -7.578 1.00 37.69  ? 3  DG  B "O3'" 1 
ATOM   130 C  "C2'" . DG  B 1 3 ? -2.046  -7.856  -6.434 1.00 39.42  ? 3  DG  B "C2'" 1 
ATOM   131 C  "C1'" . DG  B 1 3 ? -0.867  -7.201  -5.736 1.00 36.40  ? 3  DG  B "C1'" 1 
ATOM   132 N  N9    . DG  B 1 3 ? 0.161   -8.100  -5.235 1.00 36.93  ? 3  DG  B N9    1 
ATOM   133 C  C8    . DG  B 1 3 ? 0.100   -8.938  -4.149 1.00 38.57  ? 3  DG  B C8    1 
ATOM   134 N  N7    . DG  B 1 3 ? 1.200   -9.613  -3.959 1.00 39.94  ? 3  DG  B N7    1 
ATOM   135 C  C5    . DG  B 1 3 ? 2.041   -9.189  -4.985 1.00 38.59  ? 3  DG  B C5    1 
ATOM   136 C  C6    . DG  B 1 3 ? 3.372   -9.569  -5.297 1.00 39.05  ? 3  DG  B C6    1 
ATOM   137 O  O6    . DG  B 1 3 ? 4.099   -10.386 -4.718 1.00 41.58  ? 3  DG  B O6    1 
ATOM   138 N  N1    . DG  B 1 3 ? 3.849   -8.900  -6.424 1.00 37.55  ? 3  DG  B N1    1 
ATOM   139 C  C2    . DG  B 1 3 ? 3.138   -7.973  -7.156 1.00 36.54  ? 3  DG  B C2    1 
ATOM   140 N  N2    . DG  B 1 3 ? 3.779   -7.441  -8.205 1.00 36.61  ? 3  DG  B N2    1 
ATOM   141 N  N3    . DG  B 1 3 ? 1.887   -7.600  -6.881 1.00 36.80  ? 3  DG  B N3    1 
ATOM   142 C  C4    . DG  B 1 3 ? 1.410   -8.254  -5.784 1.00 36.90  ? 3  DG  B C4    1 
ATOM   143 P  P     . DG  B 1 4 ? -3.340  -4.646  -8.270 1.00 39.61  ? 4  DG  B P     1 
ATOM   144 O  OP1   . DG  B 1 4 ? -4.667  -5.266  -8.501 1.00 42.82  ? 4  DG  B OP1   1 
ATOM   145 O  OP2   . DG  B 1 4 ? -2.573  -4.069  -9.400 1.00 41.14  ? 4  DG  B OP2   1 
ATOM   146 O  "O5'" . DG  B 1 4 ? -3.496  -3.522  -7.141 1.00 36.40  ? 4  DG  B "O5'" 1 
ATOM   147 C  "C5'" . DG  B 1 4 ? -2.621  -2.405  -7.047 1.00 34.72  ? 4  DG  B "C5'" 1 
ATOM   148 C  "C4'" . DG  B 1 4 ? -3.187  -1.409  -6.047 1.00 33.90  ? 4  DG  B "C4'" 1 
ATOM   149 O  "O4'" . DG  B 1 4 ? -3.620  -2.109  -4.852 1.00 31.67  ? 4  DG  B "O4'" 1 
ATOM   150 C  "C3'" . DG  B 1 4 ? -2.225  -0.327  -5.575 1.00 33.16  ? 4  DG  B "C3'" 1 
ATOM   151 O  "O3'" . DG  B 1 4 ? -2.890  0.928   -5.586 1.00 36.56  ? 4  DG  B "O3'" 1 
ATOM   152 C  "C2'" . DG  B 1 4 ? -1.861  -0.748  -4.152 1.00 30.34  ? 4  DG  B "C2'" 1 
ATOM   153 C  "C1'" . DG  B 1 4 ? -3.139  -1.441  -3.704 1.00 29.97  ? 4  DG  B "C1'" 1 
ATOM   154 N  N9    . DG  B 1 4 ? -2.983  -2.445  -2.653 1.00 28.51  ? 4  DG  B N9    1 
ATOM   155 C  C8    . DG  B 1 4 ? -1.904  -3.268  -2.420 1.00 27.64  ? 4  DG  B C8    1 
ATOM   156 N  N7    . DG  B 1 4 ? -2.070  -4.071  -1.406 1.00 27.99  ? 4  DG  B N7    1 
ATOM   157 C  C5    . DG  B 1 4 ? -3.343  -3.768  -0.940 1.00 28.43  ? 4  DG  B C5    1 
ATOM   158 C  C6    . DG  B 1 4 ? -4.077  -4.313  0.140  1.00 29.74  ? 4  DG  B C6    1 
ATOM   159 O  O6    . DG  B 1 4 ? -3.730  -5.206  0.923  1.00 31.34  ? 4  DG  B O6    1 
ATOM   160 N  N1    . DG  B 1 4 ? -5.333  -3.723  0.276  1.00 30.20  ? 4  DG  B N1    1 
ATOM   161 C  C2    . DG  B 1 4 ? -5.821  -2.728  -0.536 1.00 30.13  ? 4  DG  B C2    1 
ATOM   162 N  N2    . DG  B 1 4 ? -7.053  -2.277  -0.262 1.00 31.43  ? 4  DG  B N2    1 
ATOM   163 N  N3    . DG  B 1 4 ? -5.144  -2.208  -1.552 1.00 29.78  ? 4  DG  B N3    1 
ATOM   164 C  C4    . DG  B 1 4 ? -3.917  -2.771  -1.696 1.00 28.63  ? 4  DG  B C4    1 
HETATM 165 MG MG    . MG  C 2 . ? 11.993  8.727   -3.992 0.50 93.96  ? 5  MG  A MG    1 
HETATM 166 C  C1    . 5BD D 3 . ? 8.369   6.980   5.490  1.00 111.31 ? 6  5BD A C1    1 
HETATM 167 C  C2    . 5BD D 3 . ? 8.394   6.170   6.624  1.00 112.28 ? 6  5BD A C2    1 
HETATM 168 C  C3    . 5BD D 3 . ? 9.403   5.213   6.788  1.00 112.88 ? 6  5BD A C3    1 
HETATM 169 C  C5    . 5BD D 3 . ? 12.315  6.381   1.590  1.00 109.59 ? 6  5BD A C5    1 
HETATM 170 C  C6    . 5BD D 3 . ? 12.322  7.168   0.442  1.00 110.69 ? 6  5BD A C6    1 
HETATM 171 C  C7    . 5BD D 3 . ? 11.318  8.129   0.270  1.00 112.32 ? 6  5BD A C7    1 
HETATM 172 C  C8    . 5BD D 3 . ? 10.323  8.294   1.236  1.00 112.06 ? 6  5BD A C8    1 
HETATM 173 C  C9    . 5BD D 3 . ? 8.713   4.353   8.864  0.50 117.43 ? 6  5BD A C9    1 
HETATM 174 C  C11   . 5BD D 3 . ? 9.350   6.844   4.505  1.00 110.51 ? 6  5BD A C11   1 
HETATM 175 C  C12   . 5BD D 3 . ? 10.360  5.891   4.671  1.00 110.38 ? 6  5BD A C12   1 
HETATM 176 C  C13   . 5BD D 3 . ? 11.348  5.738   3.699  1.00 109.81 ? 6  5BD A C13   1 
HETATM 177 C  C14   . 5BD D 3 . ? 9.334   7.652   3.362  1.00 110.79 ? 6  5BD A C14   1 
HETATM 178 O  O1    . 5BD D 3 . ? 7.743   5.082   8.979  0.50 116.74 ? 6  5BD A O1    1 
HETATM 179 N  N1    . 5BD D 3 . ? 9.496   4.389   7.871  0.50 115.48 ? 6  5BD A N1    1 
HETATM 180 C  C4    . 5BD D 3 . ? 10.379  5.086   5.807  1.00 111.76 ? 6  5BD A C4    1 
HETATM 181 O  O2    . 5BD D 3 . ? 12.249  4.877   3.846  1.00 110.14 ? 6  5BD A O2    1 
HETATM 182 O  O3    . 5BD D 3 . ? 8.433   8.507   3.207  1.00 112.11 ? 6  5BD A O3    1 
HETATM 183 C  C15   . 5BD D 3 . ? 10.325  7.501   2.388  1.00 110.55 ? 6  5BD A C15   1 
HETATM 184 C  C16   . 5BD D 3 . ? 11.327  6.539   2.559  1.00 109.69 ? 6  5BD A C16   1 
HETATM 185 N  N2    . 5BD D 3 . ? 13.331  6.938   -0.449 1.00 110.99 ? 6  5BD A N2    1 
HETATM 186 C  C10   . 5BD D 3 . ? 13.548  7.523   -1.551 1.00 112.89 ? 6  5BD A C10   1 
HETATM 187 O  O4    . 5BD D 3 . ? 12.846  8.415   -2.003 1.00 115.19 ? 6  5BD A O4    1 
HETATM 188 C  C1    . 5BD E 3 . ? 6.932   6.840   0.402  1.00 81.88  ? 7  5BD A C1    1 
HETATM 189 C  C2    . 5BD E 3 . ? 5.761   7.590   0.318  1.00 83.08  ? 7  5BD A C2    1 
HETATM 190 C  C3    . 5BD E 3 . ? 4.743   7.421   1.263  1.00 81.49  ? 7  5BD A C3    1 
HETATM 191 C  C5    . 5BD E 3 . ? 7.600   3.112   4.530  1.00 79.36  ? 7  5BD A C5    1 
HETATM 192 C  C6    . 5BD E 3 . ? 8.772   2.355   4.616  1.00 81.20  ? 7  5BD A C6    1 
HETATM 193 C  C7    . 5BD E 3 . ? 9.773   2.548   3.659  1.00 81.30  ? 7  5BD A C7    1 
HETATM 194 C  C8    . 5BD E 3 . ? 9.601   3.471   2.631  1.00 80.15  ? 7  5BD A C8    1 
HETATM 195 C  C9    . 5BD E 3 . ? 3.208   9.010   0.409  1.00 86.48  ? 7  5BD A C9    1 
HETATM 196 C  C11   . 5BD E 3 . ? 7.099   5.908   1.429  1.00 79.72  ? 7  5BD A C11   1 
HETATM 197 C  C12   . 5BD E 3 . ? 6.089   5.730   2.381  1.00 78.55  ? 7  5BD A C12   1 
HETATM 198 C  C13   . 5BD E 3 . ? 6.251   4.800   3.416  1.00 77.78  ? 7  5BD A C13   1 
HETATM 199 C  C14   . 5BD E 3 . ? 8.269   5.151   1.512  1.00 79.63  ? 7  5BD A C14   1 
HETATM 200 O  O1    . 5BD E 3 . ? 3.896   9.370   -0.535 1.00 89.21  ? 7  5BD A O1    1 
HETATM 201 N  N1    . 5BD E 3 . ? 3.567   8.124   1.245  1.00 82.95  ? 7  5BD A N1    1 
HETATM 202 C  C4    . 5BD E 3 . ? 4.922   6.491   2.290  1.00 79.11  ? 7  5BD A C4    1 
HETATM 203 O  O2    . 5BD E 3 . ? 5.346   4.642   4.266  1.00 77.38  ? 7  5BD A O2    1 
HETATM 204 O  O3    . 5BD E 3 . ? 9.175   5.308   0.662  1.00 80.81  ? 7  5BD A O3    1 
HETATM 205 C  C15   . 5BD E 3 . ? 8.431   4.226   2.547  1.00 79.13  ? 7  5BD A C15   1 
HETATM 206 C  C16   . 5BD E 3 . ? 7.423   4.047   3.501  1.00 78.44  ? 7  5BD A C16   1 
HETATM 207 N  N2    . 5BD E 3 . ? 8.900   1.455   5.638  1.00 83.71  ? 7  5BD A N2    1 
HETATM 208 C  C10   . 5BD E 3 . ? 9.891   0.688   5.870  1.00 86.63  ? 7  5BD A C10   1 
HETATM 209 O  O4    . 5BD E 3 . ? 10.907  0.642   5.189  1.00 86.97  ? 7  5BD A O4    1 
HETATM 210 C  C1    . 5BD F 3 . ? 5.185   2.741   -4.452 1.00 48.38  ? 8  5BD A C1    1 
HETATM 211 C  C2    . 5BD F 3 . ? 3.942   3.364   -4.507 1.00 49.49  ? 8  5BD A C2    1 
HETATM 212 C  C3    . 5BD F 3 . ? 2.944   3.033   -3.586 1.00 47.25  ? 8  5BD A C3    1 
HETATM 213 C  C5    . 5BD F 3 . ? 6.243   -1.107  -0.545 1.00 43.48  ? 8  5BD A C5    1 
HETATM 214 C  C6    . 5BD F 3 . ? 7.488   -1.735  -0.495 1.00 45.10  ? 8  5BD A C6    1 
HETATM 215 C  C7    . 5BD F 3 . ? 8.468   -1.386  -1.433 1.00 45.56  ? 8  5BD A C7    1 
HETATM 216 C  C8    . 5BD F 3 . ? 8.204   -0.425  -2.405 1.00 45.10  ? 8  5BD A C8    1 
HETATM 217 C  C9    . 5BD F 3 . ? 1.308   4.507   -4.419 0.75 52.58  ? 8  5BD A C9    1 
HETATM 218 C  C11   . 5BD F 3 . ? 5.445   1.778   -3.475 1.00 45.58  ? 8  5BD A C11   1 
HETATM 219 C  C12   . 5BD F 3 . ? 4.452   1.440   -2.549 1.00 43.89  ? 8  5BD A C12   1 
HETATM 220 C  C13   . 5BD F 3 . ? 4.716   0.479   -1.568 1.00 42.65  ? 8  5BD A C13   1 
HETATM 221 C  C14   . 5BD F 3 . ? 6.694   1.159   -3.427 1.00 45.42  ? 8  5BD A C14   1 
HETATM 222 O  O1    . 5BD F 3 . ? 2.002   4.962   -5.318 0.75 55.75  ? 8  5BD A O1    1 
HETATM 223 N  N1    . 5BD F 3 . ? 1.710   3.619   -3.604 0.75 48.66  ? 8  5BD A N1    1 
HETATM 224 C  C4    . 5BD F 3 . ? 3.206   2.068   -2.609 1.00 44.33  ? 8  5BD A C4    1 
HETATM 225 O  O2    . 5BD F 3 . ? 3.829   0.172   -0.739 1.00 41.84  ? 8  5BD A O2    1 
HETATM 226 O  O3    . 5BD F 3 . ? 7.574   1.467   -4.260 1.00 47.20  ? 8  5BD A O3    1 
HETATM 227 C  C15   . 5BD F 3 . ? 6.958   0.200   -2.450 1.00 44.26  ? 8  5BD A C15   1 
HETATM 228 C  C16   . 5BD F 3 . ? 5.968   -0.145  -1.521 1.00 43.15  ? 8  5BD A C16   1 
HETATM 229 N  N2    . 5BD F 3 . ? 7.697   -2.668  0.482  1.00 47.02  ? 8  5BD A N2    1 
HETATM 230 C  C10   . 5BD F 3 . ? 8.760   -3.338  0.685  1.00 49.59  ? 8  5BD A C10   1 
HETATM 231 O  O4    . 5BD F 3 . ? 9.776   -3.228  0.009  1.00 50.08  ? 8  5BD A O4    1 
HETATM 232 C  C1    . 5BD G 3 . ? 3.377   1.056   -7.212 0.50 38.42  ? 5  5BD B C1    1 
HETATM 233 C  C2    . 5BD G 3 . ? 2.191   1.759   -7.430 0.50 40.85  ? 5  5BD B C2    1 
HETATM 234 C  C3    . 5BD G 3 . ? 1.092   1.568   -6.589 0.50 39.05  ? 5  5BD B C3    1 
HETATM 235 C  C5    . 5BD G 3 . ? 3.763   -2.554  -2.960 0.50 30.16  ? 5  5BD B C5    1 
HETATM 236 C  C6    . 5BD G 3 . ? 4.942   -3.264  -2.732 0.50 30.88  ? 5  5BD B C6    1 
HETATM 237 C  C7    . 5BD G 3 . ? 6.030   -3.057  -3.585 0.50 31.41  ? 5  5BD B C7    1 
HETATM 238 C  C8    . 5BD G 3 . ? 5.939   -2.161  -4.646 0.50 31.65  ? 5  5BD B C8    1 
HETATM 239 C  C9    . 5BD G 3 . ? -0.412  3.077   -7.628 0.50 46.75  ? 5  5BD B C9    1 
HETATM 240 C  C11   . 5BD G 3 . ? 3.481   0.151   -6.151 0.50 34.83  ? 5  5BD B C11   1 
HETATM 241 C  C12   . 5BD G 3 . ? 2.386   -0.046  -5.304 0.50 33.43  ? 5  5BD B C12   1 
HETATM 242 C  C13   . 5BD G 3 . ? 2.476   -0.949  -4.239 0.50 31.22  ? 5  5BD B C13   1 
HETATM 243 C  C14   . 5BD G 3 . ? 4.668   -0.553  -5.930 0.50 33.61  ? 5  5BD B C14   1 
HETATM 244 O  O1    . 5BD G 3 . ? 0.348   3.450   -8.507 0.50 49.93  ? 5  5BD B O1    1 
HETATM 245 N  N1    . 5BD G 3 . ? -0.100  2.223   -6.742 0.50 41.75  ? 5  5BD B N1    1 
HETATM 246 C  C4    . 5BD G 3 . ? 1.205   0.663   -5.531 0.50 35.18  ? 5  5BD B C4    1 
HETATM 247 O  O2    . 5BD G 3 . ? 1.495   -1.126  -3.480 0.25 30.53  ? 5  5BD B O2    1 
HETATM 248 O  O3    . 5BD G 3 . ? 5.651   -0.382  -6.687 0.25 35.03  ? 5  5BD B O3    1 
HETATM 249 C  C15   . 5BD G 3 . ? 4.758   -1.455  -4.868 0.50 31.68  ? 5  5BD B C15   1 
HETATM 250 C  C16   . 5BD G 3 . ? 3.663   -1.652  -4.021 0.50 30.69  ? 5  5BD B C16   1 
HETATM 251 N  N2    . 5BD G 3 . ? 4.974   -4.132  -1.676 0.50 31.96  ? 5  5BD B N2    1 
HETATM 252 C  C10   . 5BD G 3 . ? 5.942   -4.866  -1.299 0.50 33.89  ? 5  5BD B C10   1 
HETATM 253 O  O4    . 5BD G 3 . ? 7.032   -4.904  -1.851 0.50 34.44  ? 5  5BD B O4    1 
HETATM 254 O  O     . HOH H 4 . ? 11.079  10.385  -4.621 0.50 106.39 ? 9  HOH A O     1 
HETATM 255 O  O     . HOH H 4 . ? 13.580  7.540   -4.266 0.50 90.08  ? 10 HOH A O     1 
HETATM 256 O  O     . HOH H 4 . ? 12.908  9.586   -5.553 0.50 105.39 ? 11 HOH A O     1 
HETATM 257 O  O     . HOH H 4 . ? 13.399  10.149  -4.018 0.50 113.32 ? 12 HOH A O     1 
HETATM 258 O  O     . HOH H 4 . ? 3.290   6.352   -7.243 1.00 76.78  ? 13 HOH A O     1 
HETATM 259 O  O     . HOH H 4 . ? 8.389   2.044   10.624 1.00 119.06 ? 14 HOH A O     1 
# 
loop_
_atom_site_anisotrop.id 
_atom_site_anisotrop.type_symbol 
_atom_site_anisotrop.pdbx_label_atom_id 
_atom_site_anisotrop.pdbx_label_alt_id 
_atom_site_anisotrop.pdbx_label_comp_id 
_atom_site_anisotrop.pdbx_label_asym_id 
_atom_site_anisotrop.pdbx_label_seq_id 
_atom_site_anisotrop.pdbx_PDB_ins_code 
_atom_site_anisotrop.U[1][1] 
_atom_site_anisotrop.U[2][2] 
_atom_site_anisotrop.U[3][3] 
_atom_site_anisotrop.U[1][2] 
_atom_site_anisotrop.U[1][3] 
_atom_site_anisotrop.U[2][3] 
_atom_site_anisotrop.pdbx_auth_seq_id 
_atom_site_anisotrop.pdbx_auth_comp_id 
_atom_site_anisotrop.pdbx_auth_asym_id 
_atom_site_anisotrop.pdbx_auth_atom_id 
1   N  N1    . BRU A 1 ? 0.7486 0.7763 0.6330 0.1101  -0.0114 0.0803  1  BRU A N1    
2   C  C2    . BRU A 1 ? 0.7220 0.7117 0.6166 0.0951  -0.0111 0.0930  1  BRU A C2    
3   N  N3    . BRU A 1 ? 0.7154 0.6878 0.6246 0.0861  -0.0010 0.1014  1  BRU A N3    
4   C  C4    . BRU A 1 ? 0.7381 0.7200 0.6519 0.0909  0.0100  0.1016  1  BRU A C4    
5   C  C5    . BRU A 1 ? 0.7719 0.7865 0.6716 0.1072  0.0101  0.0936  1  BRU A C5    
6   C  C6    . BRU A 1 ? 0.7761 0.8170 0.6620 0.1163  -0.0013 0.0814  1  BRU A C6    
7   O  O2    . BRU A 1 ? 0.7038 0.6845 0.5969 0.0885  -0.0195 0.0911  1  BRU A O2    
8   O  O4    . BRU A 1 ? 0.7409 0.7130 0.6734 0.0804  0.0207  0.1030  1  BRU A O4    
9   BR BR    . BRU A 1 ? 0.8137 0.8446 0.7176 0.1123  0.0239  0.0919  1  BRU A BR    
10  C  "C1'" . BRU A 1 ? 0.7591 0.8233 0.6348 0.1177  -0.0214 0.0599  1  BRU A "C1'" 
11  C  "C2'" . BRU A 1 ? 0.7425 0.8080 0.6467 0.1030  -0.0299 0.0249  1  BRU A "C2'" 
12  C  "C3'" . BRU A 1 ? 0.7766 0.9095 0.6765 0.1145  -0.0313 -0.0081 1  BRU A "C3'" 
13  C  "C4'" . BRU A 1 ? 0.8209 0.9962 0.6843 0.1414  -0.0249 0.0156  1  BRU A "C4'" 
14  O  "O3'" . BRU A 1 ? 0.7625 0.9108 0.6610 0.1117  -0.0385 -0.0232 1  BRU A "O3'" 
15  O  "O4'" . BRU A 1 ? 0.8079 0.9296 0.6608 0.1417  -0.0158 0.0586  1  BRU A "O4'" 
16  C  "C5'" . BRU A 1 ? 0.8624 1.0839 0.7285 0.1493  -0.0184 -0.0024 1  BRU A "C5'" 
17  O  "O5'" . BRU A 1 ? 0.8447 1.0161 0.7284 0.1371  -0.0116 0.0099  1  BRU A "O5'" 
18  P  P     . DA  A 2 ? 0.7491 0.8846 0.6875 0.0879  -0.0378 -0.0634 2  DA  A P     
19  O  OP1   . DA  A 2 ? 0.7603 0.9388 0.6914 0.0904  -0.0437 -0.0849 2  DA  A OP1   
20  O  OP2   . DA  A 2 ? 0.7752 0.9240 0.7497 0.0807  -0.0276 -0.0981 2  DA  A OP2   
21  O  "O5'" . DA  A 2 ? 0.6919 0.7475 0.6377 0.0723  -0.0379 -0.0305 2  DA  A "O5'" 
22  C  "C5'" . DA  A 2 ? 0.6368 0.6708 0.5621 0.0704  -0.0442 -0.0053 2  DA  A "C5'" 
23  C  "C4'" . DA  A 2 ? 0.5955 0.5750 0.5323 0.0555  -0.0437 0.0169  2  DA  A "C4'" 
24  O  "O4'" . DA  A 2 ? 0.5720 0.5386 0.5018 0.0608  -0.0434 0.0430  2  DA  A "O4'" 
25  C  "C3'" . DA  A 2 ? 0.6126 0.5659 0.5837 0.0447  -0.0345 0.0049  2  DA  A "C3'" 
26  O  "O3'" . DA  A 2 ? 0.6073 0.5281 0.5802 0.0337  -0.0338 0.0230  2  DA  A "O3'" 
27  C  "C2'" . DA  A 2 ? 0.6121 0.5553 0.5923 0.0528  -0.0322 0.0196  2  DA  A "C2'" 
28  C  "C1'" . DA  A 2 ? 0.5657 0.5104 0.5181 0.0568  -0.0408 0.0476  2  DA  A "C1'" 
29  N  N9    . DA  A 2 ? 0.5634 0.5162 0.5160 0.0653  -0.0386 0.0559  2  DA  A N9    
30  C  C8    . DA  A 2 ? 0.5826 0.5515 0.5467 0.0731  -0.0330 0.0410  2  DA  A C8    
31  N  N7    . DA  A 2 ? 0.5781 0.5518 0.5405 0.0780  -0.0303 0.0522  2  DA  A N7    
32  C  C5    . DA  A 2 ? 0.5548 0.5169 0.5078 0.0718  -0.0329 0.0720  2  DA  A C5    
33  C  C6    . DA  A 2 ? 0.5504 0.5163 0.5061 0.0689  -0.0276 0.0823  2  DA  A C6    
34  N  N6    . DA  A 2 ? 0.5685 0.5459 0.5328 0.0734  -0.0194 0.0791  2  DA  A N6    
35  N  N1    . DA  A 2 ? 0.5381 0.5009 0.4927 0.0584  -0.0284 0.0896  2  DA  A N1    
36  C  C2    . DA  A 2 ? 0.5245 0.4781 0.4703 0.0529  -0.0359 0.0916  2  DA  A C2    
37  N  N3    . DA  A 2 ? 0.5226 0.4678 0.4626 0.0554  -0.0414 0.0861  2  DA  A N3    
38  C  C4    . DA  A 2 ? 0.5430 0.4936 0.4891 0.0644  -0.0388 0.0747  2  DA  A C4    
39  P  P     . DG  A 3 ? 0.6295 0.5422 0.6177 0.0186  -0.0248 0.0020  3  DG  A P     
40  O  OP1   . DG  A 3 ? 0.6779 0.5880 0.7077 0.0132  -0.0054 -0.0319 3  DG  A OP1   
41  O  OP2   . DG  A 3 ? 0.6246 0.5087 0.6045 0.0116  -0.0251 0.0329  3  DG  A OP2   
42  O  "O5'" . DG  A 3 ? 0.5991 0.5552 0.5644 0.0216  -0.0363 -0.0175 3  DG  A "O5'" 
43  C  "C5'" . DG  A 3 ? 0.5607 0.5166 0.4995 0.0222  -0.0468 0.0032  3  DG  A "C5'" 
44  C  "C4'" . DG  A 3 ? 0.5600 0.5283 0.5015 0.0113  -0.0468 -0.0183 3  DG  A "C4'" 
45  O  "O4'" . DG  A 3 ? 0.5813 0.5128 0.5383 -0.0073 -0.0363 -0.0122 3  DG  A "O4'" 
46  C  "C3'" . DG  A 3 ? 0.5860 0.6006 0.5439 0.0124  -0.0430 -0.0648 3  DG  A "C3'" 
47  O  "O3'" . DG  A 3 ? 0.5625 0.6134 0.5071 0.0173  -0.0518 -0.0765 3  DG  A "O3'" 
48  C  "C2'" . DG  A 3 ? 0.6296 0.6136 0.6259 -0.0103 -0.0230 -0.0859 3  DG  A "C2'" 
49  C  "C1'" . DG  A 3 ? 0.6220 0.5643 0.6040 -0.0201 -0.0241 -0.0507 3  DG  A "C1'" 
50  N  N9    . DG  A 3 ? 0.6671 0.5635 0.6730 -0.0362 -0.0025 -0.0418 3  DG  A N9    
51  C  C8    . DG  A 3 ? 0.7059 0.5614 0.7285 -0.0329 0.0129  -0.0163 3  DG  A C8    
52  N  N7    . DG  A 3 ? 0.7593 0.5775 0.8010 -0.0445 0.0368  -0.0048 3  DG  A N7    
53  C  C5    . DG  A 3 ? 0.7502 0.5863 0.7877 -0.0610 0.0358  -0.0295 3  DG  A C5    
54  C  C6    . DG  A 3 ? 0.7986 0.6117 0.8505 -0.0801 0.0587  -0.0320 3  DG  A C6    
55  O  O6    . DG  A 3 ? 0.8705 0.6368 0.9413 -0.0842 0.0889  -0.0057 3  DG  A O6    
56  N  N1    . DG  A 3 ? 0.7662 0.6168 0.8099 -0.0926 0.0473  -0.0660 3  DG  A N1    
57  C  C2    . DG  A 3 ? 0.7044 0.6079 0.7280 -0.0820 0.0183  -0.0883 3  DG  A C2    
58  N  N2    . DG  A 3 ? 0.6862 0.6260 0.7063 -0.0899 0.0105  -0.1173 3  DG  A N2    
59  N  N3    . DG  A 3 ? 0.6716 0.5928 0.6799 -0.0615 0.0007  -0.0794 3  DG  A N3    
60  C  C4    . DG  A 3 ? 0.6928 0.5788 0.7092 -0.0546 0.0102  -0.0530 3  DG  A C4    
61  P  P     . DG  A 4 ? 0.5563 0.6673 0.4747 0.0486  -0.0635 -0.0735 4  DG  A P     
62  O  OP1   . DG  A 4 ? 0.5888 0.7447 0.5113 0.0619  -0.0618 -0.0937 4  DG  A OP1   
63  O  OP2   . DG  A 4 ? 0.5634 0.7130 0.4807 0.0514  -0.0691 -0.0935 4  DG  A OP2   
64  O  "O5'" . DG  A 4 ? 0.5208 0.5898 0.4159 0.0590  -0.0648 -0.0218 4  DG  A "O5'" 
65  C  "C5'" . DG  A 4 ? 0.4862 0.5346 0.3749 0.0559  -0.0657 -0.0036 4  DG  A "C5'" 
66  C  "C4'" . DG  A 4 ? 0.4673 0.4771 0.3500 0.0576  -0.0594 0.0323  4  DG  A "C4'" 
67  O  "O4'" . DG  A 4 ? 0.4531 0.4385 0.3425 0.0466  -0.0578 0.0380  4  DG  A "O4'" 
68  C  "C3'" . DG  A 4 ? 0.4477 0.4307 0.3375 0.0406  -0.0566 0.0407  4  DG  A "C3'" 
69  O  "O3'" . DG  A 4 ? 0.4750 0.4550 0.3640 0.0575  -0.0458 0.0596  4  DG  A "O3'" 
70  C  "C2'" . DG  A 4 ? 0.4235 0.3788 0.3204 0.0214  -0.0553 0.0503  4  DG  A "C2'" 
71  C  "C1'" . DG  A 4 ? 0.4286 0.3853 0.3223 0.0342  -0.0540 0.0566  4  DG  A "C1'" 
72  N  N9    . DG  A 4 ? 0.4205 0.3619 0.3225 0.0230  -0.0556 0.0602  4  DG  A N9    
73  C  C8    . DG  A 4 ? 0.4214 0.3517 0.3303 0.0078  -0.0575 0.0596  4  DG  A C8    
74  N  N7    . DG  A 4 ? 0.4335 0.3546 0.3495 0.0090  -0.0562 0.0713  4  DG  A N7    
75  C  C5    . DG  A 4 ? 0.4295 0.3563 0.3448 0.0215  -0.0550 0.0738  4  DG  A C5    
76  C  C6    . DG  A 4 ? 0.4409 0.3662 0.3650 0.0286  -0.0535 0.0822  4  DG  A C6    
77  O  O6    . DG  A 4 ? 0.4597 0.3789 0.3942 0.0291  -0.0536 0.0926  4  DG  A O6    
78  N  N1    . DG  A 4 ? 0.4378 0.3719 0.3578 0.0392  -0.0494 0.0812  4  DG  A N1    
79  C  C2    . DG  A 4 ? 0.4408 0.3836 0.3478 0.0470  -0.0449 0.0800  4  DG  A C2    
80  N  N2    . DG  A 4 ? 0.4567 0.4070 0.3591 0.0601  -0.0359 0.0866  4  DG  A N2    
81  N  N3    . DG  A 4 ? 0.4382 0.3841 0.3377 0.0453  -0.0468 0.0755  4  DG  A N3    
82  C  C4    . DG  A 4 ? 0.4253 0.3635 0.3306 0.0301  -0.0530 0.0691  4  DG  A C4    
83  N  N1    . BRU B 1 ? 0.5963 0.7224 0.6028 0.0245  -0.0545 0.0721  1  BRU B N1    
84  C  C2    . BRU B 1 ? 0.5908 0.6600 0.5815 0.0378  -0.0558 0.0916  1  BRU B C2    
85  N  N3    . BRU B 1 ? 0.5906 0.6418 0.5879 0.0460  -0.0494 0.0899  1  BRU B N3    
86  C  C4    . BRU B 1 ? 0.5985 0.6769 0.6158 0.0422  -0.0407 0.0741  1  BRU B C4    
87  C  C5    . BRU B 1 ? 0.6154 0.7492 0.6537 0.0268  -0.0367 0.0515  1  BRU B C5    
88  C  C6    . BRU B 1 ? 0.6116 0.7709 0.6442 0.0185  -0.0446 0.0497  1  BRU B C6    
89  O  O2    . BRU B 1 ? 0.5841 0.6254 0.5580 0.0401  -0.0608 0.1054  1  BRU B O2    
90  O  O4    . BRU B 1 ? 0.6013 0.6647 0.6232 0.0495  -0.0337 0.0726  1  BRU B O4    
91  BR BR    . BRU B 1 ? 0.6477 0.8192 0.7195 0.0172  -0.0209 0.0230  1  BRU B BR    
92  C  "C1'" . BRU B 1 ? 0.5929 0.7489 0.5921 0.0149  -0.0613 0.0700  1  BRU B "C1'" 
93  C  "C2'" . BRU B 1 ? 0.5611 0.6954 0.5684 -0.0086 -0.0451 0.0490  1  BRU B "C2'" 
94  C  "C3'" . BRU B 1 ? 0.5795 0.7853 0.6195 -0.0277 -0.0368 0.0125  1  BRU B "C3'" 
95  C  "C4'" . BRU B 1 ? 0.6120 0.8946 0.6450 -0.0119 -0.0587 0.0197  1  BRU B "C4'" 
96  O  "O3'" . BRU B 1 ? 0.5675 0.7768 0.6180 -0.0493 -0.0262 -0.0077 1  BRU B "O3'" 
97  O  "O4'" . BRU B 1 ? 0.6188 0.8622 0.6324 0.0151  -0.0690 0.0555  1  BRU B "O4'" 
98  C  "C5'" . BRU B 1 ? 0.6451 1.0193 0.7149 -0.0207 -0.0544 -0.0199 1  BRU B "C5'" 
99  O  "O5'" . BRU B 1 ? 0.6449 0.9934 0.7336 -0.0188 -0.0419 -0.0267 1  BRU B "O5'" 
100 P  P     . DA  B 2 ? 0.5679 0.7275 0.6486 -0.0675 0.0082  -0.0266 2  DA  B P     
101 O  OP1   . DA  B 2 ? 0.5799 0.7592 0.6788 -0.0887 0.0172  -0.0515 2  DA  B OP1   
102 O  OP2   . DA  B 2 ? 0.5998 0.7715 0.7163 -0.0748 0.0308  -0.0480 2  DA  B OP2   
103 O  "O5'" . DA  B 2 ? 0.5390 0.6160 0.5843 -0.0473 0.0058  0.0126  2  DA  B "O5'" 
104 C  "C5'" . DA  B 2 ? 0.5139 0.5676 0.5288 -0.0406 -0.0102 0.0307  2  DA  B "C5'" 
105 C  "C4'" . DA  B 2 ? 0.5110 0.5068 0.5177 -0.0319 0.0043  0.0446  2  DA  B "C4'" 
106 O  "O4'" . DA  B 2 ? 0.5132 0.4829 0.5050 -0.0123 0.0061  0.0636  2  DA  B "O4'" 
107 C  "C3'" . DA  B 2 ? 0.5396 0.5196 0.5823 -0.0442 0.0385  0.0296  2  DA  B "C3'" 
108 O  "O3'" . DA  B 2 ? 0.5392 0.4850 0.5720 -0.0352 0.0443  0.0426  2  DA  B "O3'" 
109 C  "C2'" . DA  B 2 ? 0.5713 0.5287 0.6234 -0.0345 0.0606  0.0395  2  DA  B "C2'" 
110 C  "C1'" . DA  B 2 ? 0.5487 0.4904 0.5560 -0.0090 0.0369  0.0679  2  DA  B "C1'" 
111 N  N9    . DA  B 2 ? 0.5658 0.5007 0.5689 0.0036  0.0448  0.0785  2  DA  B N9    
112 C  C8    . DA  B 2 ? 0.6027 0.5370 0.6353 -0.0043 0.0729  0.0700  2  DA  B C8    
113 N  N7    . DA  B 2 ? 0.6160 0.5463 0.6354 0.0099  0.0742  0.0823  2  DA  B N7    
114 C  C5    . DA  B 2 ? 0.5813 0.5121 0.5636 0.0276  0.0455  0.0965  2  DA  B C5    
115 C  C6    . DA  B 2 ? 0.5816 0.5166 0.5411 0.0456  0.0346  0.1060  2  DA  B C6    
116 N  N6    . DA  B 2 ? 0.6077 0.5459 0.5722 0.0508  0.0494  0.1081  2  DA  B N6    
117 N  N1    . DA  B 2 ? 0.5560 0.4959 0.4931 0.0554  0.0113  0.1073  2  DA  B N1    
118 C  C2    . DA  B 2 ? 0.5347 0.4712 0.4680 0.0484  -0.0006 0.1042  2  DA  B C2    
119 N  N3    . DA  B 2 ? 0.5280 0.4608 0.4757 0.0333  0.0053  0.0993  2  DA  B N3    
120 C  C4    . DA  B 2 ? 0.5531 0.4848 0.5264 0.0233  0.0286  0.0940  2  DA  B C4    
121 P  P     . DG  B 3 ? 0.5256 0.4858 0.5646 -0.0500 0.0375  0.0261  3  DG  B P     
122 O  OP1   . DG  B 3 ? 0.5400 0.5505 0.6130 -0.0785 0.0427  -0.0103 3  DG  B OP1   
123 O  OP2   . DG  B 3 ? 0.5473 0.4683 0.5929 -0.0369 0.0578  0.0384  3  DG  B OP2   
124 O  "O5'" . DG  B 3 ? 0.4860 0.4551 0.4808 -0.0406 0.0017  0.0404  3  DG  B "O5'" 
125 C  "C5'" . DG  B 3 ? 0.4649 0.4739 0.4503 -0.0507 -0.0186 0.0345  3  DG  B "C5'" 
126 C  "C4'" . DG  B 3 ? 0.4512 0.4741 0.4272 -0.0613 -0.0287 0.0279  3  DG  B "C4'" 
127 O  "O4'" . DG  B 3 ? 0.4508 0.4405 0.4266 -0.0562 -0.0212 0.0285  3  DG  B "O4'" 
128 C  "C3'" . DG  B 3 ? 0.4597 0.5363 0.4595 -0.0851 -0.0237 -0.0008 3  DG  B "C3'" 
129 O  "O3'" . DG  B 3 ? 0.4493 0.5578 0.4251 -0.0888 -0.0415 0.0054  3  DG  B "O3'" 
130 C  "C2'" . DG  B 3 ? 0.4727 0.5253 0.4999 -0.0942 -0.0028 -0.0183 3  DG  B "C2'" 
131 C  "C1'" . DG  B 3 ? 0.4587 0.4709 0.4535 -0.0761 -0.0153 0.0057  3  DG  B "C1'" 
132 N  N9    . DG  B 3 ? 0.4708 0.4534 0.4791 -0.0693 -0.0008 0.0036  3  DG  B N9    
133 C  C8    . DG  B 3 ? 0.4986 0.4459 0.5210 -0.0506 0.0207  0.0165  3  DG  B C8    
134 N  N7    . DG  B 3 ? 0.5179 0.4498 0.5500 -0.0410 0.0306  0.0173  3  DG  B N7    
135 C  C5    . DG  B 3 ? 0.4943 0.4523 0.5195 -0.0590 0.0134  -0.0018 3  DG  B C5    
136 C  C6    . DG  B 3 ? 0.4969 0.4572 0.5297 -0.0593 0.0139  -0.0130 3  DG  B C6    
137 O  O6    . DG  B 3 ? 0.5300 0.4713 0.5785 -0.0395 0.0290  -0.0058 3  DG  B O6    
138 N  N1    . DG  B 3 ? 0.4712 0.4632 0.4923 -0.0828 -0.0033 -0.0315 3  DG  B N1    
139 C  C2    . DG  B 3 ? 0.4560 0.4745 0.4578 -0.0981 -0.0177 -0.0316 3  DG  B C2    
140 N  N2    . DG  B 3 ? 0.4513 0.4985 0.4413 -0.1156 -0.0281 -0.0428 3  DG  B N2    
141 N  N3    . DG  B 3 ? 0.4612 0.4807 0.4564 -0.0936 -0.0197 -0.0188 3  DG  B N3    
142 C  C4    . DG  B 3 ? 0.4684 0.4565 0.4770 -0.0764 -0.0044 -0.0079 3  DG  B C4    
143 P  P     . DG  B 4 ? 0.4638 0.6206 0.4205 -0.0796 -0.0570 0.0227  4  DG  B P     
144 O  OP1   . DG  B 4 ? 0.4773 0.6885 0.4614 -0.0857 -0.0514 -0.0004 4  DG  B OP1   
145 O  OP2   . DG  B 4 ? 0.4804 0.6673 0.4155 -0.0840 -0.0653 0.0312  4  DG  B OP2   
146 O  "O5'" . DG  B 4 ? 0.4486 0.5491 0.3854 -0.0561 -0.0627 0.0555  4  DG  B "O5'" 
147 C  "C5'" . DG  B 4 ? 0.4464 0.5118 0.3609 -0.0476 -0.0674 0.0777  4  DG  B "C5'" 
148 C  "C4'" . DG  B 4 ? 0.4490 0.4792 0.3599 -0.0280 -0.0682 0.0973  4  DG  B "C4'" 
149 O  "O4'" . DG  B 4 ? 0.4236 0.4340 0.3458 -0.0245 -0.0634 0.0858  4  DG  B "O4'" 
150 C  "C3'" . DG  B 4 ? 0.4574 0.4420 0.3605 -0.0231 -0.0646 0.1073  4  DG  B "C3'" 
151 O  "O3'" . DG  B 4 ? 0.5036 0.4777 0.4077 -0.0072 -0.0615 0.1318  4  DG  B "O3'" 
152 C  "C2'" . DG  B 4 ? 0.4295 0.3858 0.3377 -0.0197 -0.0623 0.0911  4  DG  B "C2'" 
153 C  "C1'" . DG  B 4 ? 0.4175 0.3874 0.3340 -0.0135 -0.0620 0.0907  4  DG  B "C1'" 
154 N  N9    . DG  B 4 ? 0.4019 0.3590 0.3223 -0.0102 -0.0550 0.0804  4  DG  B N9    
155 C  C8    . DG  B 4 ? 0.3936 0.3432 0.3133 -0.0123 -0.0504 0.0714  4  DG  B C8    
156 N  N7    . DG  B 4 ? 0.4003 0.3403 0.3230 -0.0004 -0.0400 0.0739  4  DG  B N7    
157 C  C5    . DG  B 4 ? 0.4045 0.3452 0.3303 0.0056  -0.0378 0.0807  4  DG  B C5    
158 C  C6    . DG  B 4 ? 0.4226 0.3557 0.3518 0.0181  -0.0244 0.0880  4  DG  B C6    
159 O  O6    . DG  B 4 ? 0.4469 0.3694 0.3746 0.0305  -0.0093 0.0961  4  DG  B O6    
160 N  N1    . DG  B 4 ? 0.4240 0.3647 0.3586 0.0189  -0.0267 0.0894  4  DG  B N1    
161 C  C2    . DG  B 4 ? 0.4175 0.3727 0.3546 0.0136  -0.0402 0.0886  4  DG  B C2    
162 N  N2    . DG  B 4 ? 0.4278 0.3929 0.3733 0.0195  -0.0405 0.0909  4  DG  B N2    
163 N  N3    . DG  B 4 ? 0.4129 0.3741 0.3447 0.0062  -0.0503 0.0891  4  DG  B N3    
164 C  C4    . DG  B 4 ? 0.4030 0.3558 0.3291 0.0000  -0.0485 0.0830  4  DG  B C4    
165 MG MG    . MG  C . ? 1.1612 1.0113 1.3977 -0.2361 0.2014  -0.2820 5  MG  A MG    
166 C  C1    . 5BD D . ? 1.2423 1.5545 1.4322 -0.0759 0.0358  -0.4436 6  5BD A C1    
167 C  C2    . 5BD D . ? 1.2328 1.6476 1.3858 -0.0416 0.0058  -0.4512 6  5BD A C2    
168 C  C3    . 5BD D . ? 1.2246 1.7173 1.3471 -0.0205 -0.0183 -0.4570 6  5BD A C3    
169 C  C5    . 5BD D . ? 1.2414 1.4727 1.4500 -0.1499 0.0633  -0.4568 6  5BD A C5    
170 C  C6    . 5BD D . ? 1.2775 1.4163 1.5121 -0.1809 0.1002  -0.4388 6  5BD A C6    
171 C  C7    . 5BD D . ? 1.3166 1.3766 1.5743 -0.1882 0.1300  -0.4117 6  5BD A C7    
172 C  C8    . 5BD D . ? 1.3087 1.3830 1.5662 -0.1693 0.1209  -0.4101 6  5BD A C8    
173 C  C9    . 5BD D . ? 1.2514 1.8915 1.3189 0.0432  -0.0504 -0.4489 6  5BD A C9    
174 C  C11   . 5BD D . ? 1.2389 1.5264 1.4335 -0.0937 0.0419  -0.4450 6  5BD A C11   
175 C  C12   . 5BD D . ? 1.2206 1.5860 1.3872 -0.0774 0.0160  -0.4582 6  5BD A C12   
176 C  C13   . 5BD D . ? 1.2179 1.5629 1.3913 -0.0961 0.0221  -0.4634 6  5BD A C13   
177 C  C14   . 5BD D . ? 1.2647 1.4530 1.4918 -0.1242 0.0758  -0.4304 6  5BD A C14   
178 O  O1    . 5BD D . ? 1.2521 1.8428 1.3407 0.0276  -0.0350 -0.4492 6  5BD A O1    
179 N  N1    . 5BD D . ? 1.2357 1.8327 1.3194 0.0210  -0.0442 -0.4547 6  5BD A N1    
180 C  C4    . 5BD D . ? 1.2160 1.6825 1.3479 -0.0390 -0.0136 -0.4624 6  5BD A C4    
181 O  O2    . 5BD D . ? 1.2056 1.6216 1.3577 -0.0788 -0.0006 -0.4751 6  5BD A O2    
182 O  O3    . 5BD D . ? 1.2955 1.4147 1.5494 -0.1325 0.1014  -0.4126 6  5BD A O3    
183 C  C15   . 5BD D . ? 1.2673 1.4363 1.4969 -0.1425 0.0835  -0.4319 6  5BD A C15   
184 C  C16   . 5BD D . ? 1.2388 1.4863 1.4424 -0.1306 0.0555  -0.4518 6  5BD A C16   
185 N  N2    . 5BD D . ? 1.2824 1.4165 1.5183 -0.1992 0.1069  -0.4460 6  5BD A N2    
186 C  C10   . 5BD D . ? 1.3243 1.3868 1.5780 -0.2256 0.1407  -0.4288 6  5BD A C10   
187 O  O4    . 5BD D . ? 1.3739 1.3559 1.6469 -0.2352 0.1746  -0.3967 6  5BD A O4    
188 C  C1    . 5BD E . ? 1.0092 0.9640 1.1380 -0.1049 0.0641  -0.2157 7  5BD A C1    
189 C  C2    . 5BD E . ? 1.0377 0.9381 1.1807 -0.0994 0.0806  -0.1847 7  5BD A C2    
190 C  C3    . 5BD E . ? 1.0140 0.9350 1.1471 -0.0793 0.0648  -0.1799 7  5BD A C3    
191 C  C5    . 5BD E . ? 0.9119 1.1757 0.9278 0.0017  -0.0438 -0.2584 7  5BD A C5    
192 C  C6    . 5BD E . ? 0.9183 1.2445 0.9224 0.0153  -0.0572 -0.2739 7  5BD A C6    
193 C  C7    . 5BD E . ? 0.9184 1.2273 0.9432 -0.0104 -0.0490 -0.2951 7  5BD A C7    
194 C  C8    . 5BD E . ? 0.9212 1.1499 0.9743 -0.0470 -0.0252 -0.2946 7  5BD A C8    
195 C  C9    . 5BD E . ? 1.1010 0.9093 1.2757 -0.0759 0.1088  -0.1223 7  5BD A C9    
196 C  C11   . 5BD E . ? 0.9654 0.9955 1.0681 -0.0851 0.0327  -0.2357 7  5BD A C11   
197 C  C12   . 5BD E . ? 0.9486 0.9983 1.0377 -0.0631 0.0193  -0.2259 7  5BD A C12   
198 C  C13   . 5BD E . ? 0.9231 1.0493 0.9831 -0.0382 -0.0069 -0.2370 7  5BD A C13   
199 C  C14   . 5BD E . ? 0.9489 1.0374 1.0392 -0.0836 0.0170  -0.2623 7  5BD A C14   
200 O  O1    . 5BD E . ? 1.1434 0.9173 1.3290 -0.0904 0.1310  -0.1124 7  5BD A O1    
201 N  N1    . 5BD E . ? 1.0425 0.9171 1.1920 -0.0714 0.0792  -0.1525 7  5BD A N1    
202 C  C4    . 5BD E . ? 0.9684 0.9634 1.0739 -0.0631 0.0349  -0.2015 7  5BD A C4    
203 O  O2    . 5BD E . ? 0.9165 1.0608 0.9630 -0.0189 -0.0155 -0.2259 7  5BD A O2    
204 O  O3    . 5BD E . ? 0.9644 1.0377 1.0683 -0.1049 0.0298  -0.2741 7  5BD A O3    
205 C  C15   . 5BD E . ? 0.9257 1.0920 0.9890 -0.0553 -0.0106 -0.2725 7  5BD A C15   
206 C  C16   . 5BD E . ? 0.9164 1.1011 0.9627 -0.0316 -0.0212 -0.2570 7  5BD A C16   
207 N  N2    . 5BD E . ? 0.9341 1.3390 0.9072 0.0562  -0.0754 -0.2647 7  5BD A N2    
208 C  C10   . 5BD E . ? 0.9530 1.4255 0.9131 0.0800  -0.0882 -0.2715 7  5BD A C10   
209 O  O4    . 5BD E . ? 0.9507 1.4277 0.9262 0.0654  -0.0876 -0.2938 7  5BD A O4    
210 C  C1    . 5BD F . ? 0.6652 0.5575 0.6155 -0.0806 -0.0109 -0.0013 8  5BD A C1    
211 C  C2    . 5BD F . ? 0.6869 0.5560 0.6374 -0.0687 -0.0055 0.0300  8  5BD A C2    
212 C  C3    . 5BD F . ? 0.6573 0.5344 0.6038 -0.0514 -0.0184 0.0334  8  5BD A C3    
213 C  C5    . 5BD F . ? 0.5682 0.5954 0.4884 -0.0097 -0.0648 -0.0521 8  5BD A C5    
214 C  C6    . 5BD F . ? 0.5764 0.6386 0.4988 -0.0037 -0.0693 -0.0711 8  5BD A C6    
215 C  C7    . 5BD F . ? 0.5783 0.6391 0.5137 -0.0284 -0.0651 -0.0931 8  5BD A C7    
216 C  C8    . 5BD F . ? 0.5827 0.6051 0.5255 -0.0562 -0.0535 -0.0898 8  5BD A C8    
217 C  C9    . 5BD F . ? 0.7349 0.5716 0.6913 -0.0357 0.0015  0.0906  8  5BD A C9    
218 C  C11   . 5BD F . ? 0.6210 0.5452 0.5654 -0.0700 -0.0286 -0.0235 8  5BD A C11   
219 C  C12   . 5BD F . ? 0.6000 0.5301 0.5375 -0.0504 -0.0387 -0.0138 8  5BD A C12   
220 C  C13   . 5BD F . ? 0.5764 0.5386 0.5055 -0.0341 -0.0510 -0.0264 8  5BD A C13   
221 C  C14   . 5BD F . ? 0.6090 0.5618 0.5548 -0.0758 -0.0338 -0.0518 8  5BD A C14   
222 O  O1    . 5BD F . ? 0.7791 0.6022 0.7372 -0.0458 0.0176  0.1004  8  5BD A O1    
223 N  N1    . 5BD F . ? 0.6795 0.5395 0.6297 -0.0386 -0.0142 0.0606  8  5BD A N1    
224 C  C4    . 5BD F . ? 0.6130 0.5191 0.5522 -0.0439 -0.0339 0.0114  8  5BD A C4    
225 O  O2    . 5BD F . ? 0.5671 0.5338 0.4888 -0.0165 -0.0558 -0.0148 8  5BD A O2    
226 O  O3    . 5BD F . ? 0.6302 0.5792 0.5838 -0.0953 -0.0232 -0.0627 8  5BD A O3    
227 C  C15   . 5BD F . ? 0.5848 0.5730 0.5241 -0.0566 -0.0484 -0.0646 8  5BD A C15   
228 C  C16   . 5BD F . ? 0.5728 0.5645 0.5021 -0.0345 -0.0556 -0.0487 8  5BD A C16   
229 N  N2    . 5BD F . ? 0.5919 0.6910 0.5038 0.0292  -0.0751 -0.0641 8  5BD A N2    
230 C  C10   . 5BD F . ? 0.6106 0.7493 0.5241 0.0455  -0.0794 -0.0752 8  5BD A C10   
231 O  O4    . 5BD F . ? 0.6089 0.7586 0.5354 0.0287  -0.0801 -0.1004 8  5BD A O4    
232 C  C1    . 5BD G . ? 0.5430 0.4770 0.4398 -0.0774 -0.0343 0.0714  5  5BD B C1    
233 C  C2    . 5BD G . ? 0.5765 0.5058 0.4697 -0.0624 -0.0310 0.1038  5  5BD B C2    
234 C  C3    . 5BD G . ? 0.5526 0.4816 0.4497 -0.0472 -0.0401 0.1067  5  5BD B C3    
235 C  C5    . 5BD G . ? 0.4257 0.3862 0.3341 -0.0309 -0.0606 0.0164  5  5BD B C5    
236 C  C6    . 5BD G . ? 0.4280 0.4053 0.3400 -0.0257 -0.0614 0.0008  5  5BD B C6    
237 C  C7    . 5BD G . ? 0.4302 0.4157 0.3474 -0.0439 -0.0614 -0.0173 5  5BD B C7    
238 C  C8    . 5BD G . ? 0.4374 0.4118 0.3534 -0.0659 -0.0576 -0.0147 5  5BD B C8    
239 C  C9    . 5BD G . ? 0.6509 0.5824 0.5430 -0.0204 -0.0277 0.1692  5  5BD B C9    
240 C  C11   . 5BD G . ? 0.4941 0.4331 0.3962 -0.0722 -0.0454 0.0482  5  5BD B C11   
241 C  C12   . 5BD G . ? 0.4771 0.4131 0.3800 -0.0561 -0.0514 0.0560  5  5BD B C12   
242 C  C13   . 5BD G . ? 0.4465 0.3877 0.3519 -0.0464 -0.0572 0.0415  5  5BD B C13   
243 C  C14   . 5BD G . ? 0.4735 0.4232 0.3802 -0.0797 -0.0480 0.0206  5  5BD B C14   
244 O  O1    . 5BD G . ? 0.6942 0.6241 0.5790 -0.0278 -0.0154 0.1813  5  5BD B O1    
245 N  N1    . 5BD G . ? 0.5865 0.5163 0.4835 -0.0302 -0.0381 0.1356  5  5BD B N1    
246 C  C4    . 5BD G . ? 0.5014 0.4323 0.4029 -0.0464 -0.0494 0.0817  5  5BD B C4    
247 O  O2    . 5BD G . ? 0.4387 0.3772 0.3443 -0.0329 -0.0591 0.0500  5  5BD B O2    
248 O  O3    . 5BD G . ? 0.4895 0.4441 0.3975 -0.0958 -0.0418 0.0101  5  5BD B O3    
249 C  C15   . 5BD G . ? 0.4452 0.4030 0.3554 -0.0659 -0.0555 0.0078  5  5BD B C15   
250 C  C16   . 5BD G . ? 0.4354 0.3875 0.3433 -0.0489 -0.0585 0.0208  5  5BD B C16   
251 N  N2    . 5BD G . ? 0.4389 0.4266 0.3491 0.0003  -0.0598 0.0073  5  5BD B N2    
252 C  C10   . 5BD G . ? 0.4555 0.4636 0.3686 0.0161  -0.0593 0.0010  5  5BD B C10   
253 O  O4    . 5BD G . ? 0.4552 0.4777 0.3758 0.0062  -0.0620 -0.0186 5  5BD B O4    
254 O  O     . HOH H . ? 1.3425 1.0762 1.6237 -0.2408 0.2695  -0.2300 9  HOH A O     
255 O  O     . HOH H . ? 1.0920 1.0225 1.3078 -0.2485 0.1715  -0.3275 10 HOH A O     
256 O  O     . HOH H . ? 1.3197 1.1001 1.5846 -0.2715 0.2636  -0.2653 11 HOH A O     
257 O  O     . HOH H . ? 1.3786 1.2137 1.7134 -0.2861 0.2758  -0.3638 12 HOH A O     
258 O  O     . HOH H . ? 1.0565 0.8362 1.0248 -0.0632 0.0689  0.1360  13 HOH A O     
259 O  O     . HOH H . ? 1.2631 2.0472 1.2133 0.1502  -0.0949 -0.3614 14 HOH A O     
# 
